data_3O62
#
_entry.id   3O62
#
_cell.length_a   106.095
_cell.length_b   109.551
_cell.length_c   177.176
_cell.angle_alpha   90.00
_cell.angle_beta   90.00
_cell.angle_gamma   90.00
#
_symmetry.space_group_name_H-M   'P 21 21 21'
#
loop_
_entity.id
_entity.type
_entity.pdbx_description
1 polymer 'Histone H3.2'
2 polymer 'Histone H4'
3 polymer 'Histone H2A type 1'
4 polymer 'Histone H2B 1.1'
5 polymer 'DNA (146-MER)'
6 polymer 'DNA (146-MER)'
7 non-polymer Cisplatin
#
loop_
_entity_poly.entity_id
_entity_poly.type
_entity_poly.pdbx_seq_one_letter_code
_entity_poly.pdbx_strand_id
1 'polypeptide(L)'
;ARTKQTARKSTGGKAPRKQLATKAARKSAPATGGVKKPHRYRPGTVALREIRRYQKSTELLIRKLPFQRLVREIAQDFKT
DLRFQSSAVMALQEASEAYLVALFEDTNLCAIHAKRVTIMPKDIQLARRIRGERA
;
A,E
2 'polypeptide(L)'
;SGRGKGGKGLGKGGAKRHRKVLRDNIQGITKPAIRRLARRGGVKRISGLIYEETRGVLKVFLENVIRDAVTYTEHAKRKT
VTAMDVVYALKRQGRTLYGFGG
;
B,F
3 'polypeptide(L)'
;SGRGKQGGKTRAKAKTRSSRAGLQFPVGRVHRLLRKGNYAERVGAGAPVYLAAVLEYLTAEILELAGNAARDNKKTRIIP
RHLQLAVRNDEELNKLLGRVTIAQGGVLPNIQSVLLPKKTESSKSKSK
;
C,G
4 'polypeptide(L)'
;AKSAPAPKKGSKKAVTKTQKKDGKKRRKTRKESYAIYVYKVLKQVHPDTGISSKAMSIMNSFVNDVFERIAGEASRLAHY
NKRSTITSREIQTAVRLLLPGELAKHAVSEGTKAVTKYTSAK
;
D,H
5 'polydeoxyribonucleotide'
;(DA)(DT)(DC)(DA)(DA)(DT)(DA)(DT)(DC)(DC)(DA)(DC)(DC)(DT)(DG)(DC)(DA)(DG)(DA)(DT)
(DT)(DC)(DT)(DA)(DC)(DC)(DA)(DA)(DA)(DA)(DG)(DT)(DG)(DT)(DA)(DT)(DT)(DT)(DG)(DG)
(DA)(DA)(DA)(DC)(DT)(DG)(DC)(DT)(DC)(DC)(DA)(DT)(DC)(DA)(DA)(DA)(DA)(DG)(DG)(DC)
(DA)(DT)(DG)(DT)(DT)(DC)(DA)(DC)(DC)(DG)(DT)(DG)(DA)(DT)(DT)(DC)(DC)(DC)(DC)(DT)
(DC)(DA)(DA)(DC)(DA)(DT)(DC)(DG)(DG)(DA)(DA)(DA)(DA)(DC)(DT)(DA)(DC)(DC)(DT)(DC)
(DG)(DT)(DC)(DA)(DA)(DA)(DG)(DG)(DT)(DT)(DT)(DA)(DT)(DG)(DT)(DG)(DA)(DA)(DA)(DA)
(DC)(DC)(DA)(DT)(DC)(DT)(DT)(DA)(DG)(DA)(DC)(DG)(DT)(DC)(DC)(DA)(DC)(DC)(DT)(DA)
(DT)(DA)(DA)(DC)(DT)(DA)
;
I
6 'polydeoxyribonucleotide'
;(DT)(DA)(DG)(DT)(DT)(DA)(DT)(DA)(DG)(DG)(DT)(DG)(DG)(DA)(DC)(DG)(DT)(DC)(DT)(DA)
(DA)(DG)(DA)(DT)(DG)(DG)(DT)(DT)(DT)(DT)(DC)(DA)(DC)(DA)(DT)(DA)(DA)(DA)(DC)(DC)
(DT)(DT)(DT)(DG)(DA)(DC)(DG)(DA)(DG)(DG)(DT)(DA)(DG)(DT)(DT)(DT)(DT)(DC)(DC)(DG)
(DA)(DT)(DG)(DT)(DT)(DG)(DA)(DG)(DG)(DG)(DG)(DA)(DA)(DT)(DC)(DA)(DC)(DG)(DG)(DT)
(DG)(DA)(DA)(DC)(DA)(DT)(DG)(DC)(DC)(DT)(DT)(DT)(DT)(DG)(DA)(DT)(DG)(DG)(DA)(DG)
(DC)(DA)(DG)(DT)(DT)(DT)(DC)(DC)(DA)(DA)(DA)(DT)(DA)(DC)(DA)(DC)(DT)(DT)(DT)(DT)
(DG)(DG)(DT)(DA)(DG)(DA)(DA)(DT)(DC)(DT)(DG)(DC)(DA)(DG)(DG)(DT)(DG)(DG)(DA)(DT)
(DA)(DT)(DT)(DG)(DA)(DT)
;
J
#
# COMPACT_ATOMS: atom_id res chain seq x y z
N PRO A 38 6.66 44.02 -35.08
CA PRO A 38 6.27 42.69 -34.65
C PRO A 38 7.06 42.18 -33.43
N HIS A 39 6.36 41.51 -32.52
CA HIS A 39 6.97 40.91 -31.32
C HIS A 39 6.81 39.38 -31.33
N ARG A 40 7.79 38.70 -30.74
CA ARG A 40 7.79 37.24 -30.61
C ARG A 40 8.43 36.81 -29.29
N TYR A 41 7.69 35.97 -28.55
CA TYR A 41 8.19 35.33 -27.33
C TYR A 41 9.17 34.23 -27.70
N ARG A 42 10.24 34.15 -26.91
CA ARG A 42 11.28 33.15 -27.07
C ARG A 42 10.69 31.74 -26.82
N PRO A 43 11.18 30.72 -27.56
CA PRO A 43 10.68 29.34 -27.37
C PRO A 43 10.98 28.73 -26.00
N GLY A 44 9.94 28.12 -25.42
CA GLY A 44 10.03 27.46 -24.12
C GLY A 44 10.11 28.41 -22.94
N THR A 45 9.64 29.64 -23.12
CA THR A 45 9.80 30.67 -22.08
C THR A 45 8.49 31.37 -21.65
N VAL A 46 7.47 31.37 -22.51
CA VAL A 46 6.12 31.74 -22.04
C VAL A 46 5.47 30.45 -21.53
N ALA A 47 6.16 29.34 -21.82
CA ALA A 47 5.86 28.02 -21.30
C ALA A 47 5.72 28.12 -19.79
N LEU A 48 6.73 28.72 -19.16
CA LEU A 48 6.81 28.88 -17.71
C LEU A 48 5.61 29.64 -17.14
N ARG A 49 5.26 30.76 -17.77
CA ARG A 49 4.08 31.57 -17.37
C ARG A 49 2.89 30.66 -17.06
N GLU A 50 2.70 29.63 -17.88
CA GLU A 50 1.63 28.66 -17.72
C GLU A 50 1.81 27.83 -16.45
N ILE A 51 2.98 27.19 -16.33
CA ILE A 51 3.33 26.29 -15.20
C ILE A 51 2.98 26.90 -13.86
N ARG A 52 3.50 28.11 -13.66
CA ARG A 52 3.32 28.90 -12.45
C ARG A 52 1.83 29.19 -12.25
N ARG A 53 1.20 29.73 -13.30
CA ARG A 53 -0.24 30.04 -13.35
C ARG A 53 -1.09 28.83 -12.94
N TYR A 54 -0.82 27.68 -13.57
CA TYR A 54 -1.56 26.44 -13.30
C TYR A 54 -1.19 25.80 -11.96
N GLN A 55 0.08 25.94 -11.54
CA GLN A 55 0.52 25.41 -10.24
C GLN A 55 -0.11 26.19 -9.09
N LYS A 56 -0.50 27.44 -9.39
CA LYS A 56 -1.22 28.31 -8.47
C LYS A 56 -2.71 27.97 -8.40
N SER A 57 -3.29 27.56 -9.53
CA SER A 57 -4.72 27.19 -9.62
C SER A 57 -5.00 25.75 -9.18
N THR A 58 -6.24 25.51 -8.74
CA THR A 58 -6.68 24.24 -8.16
C THR A 58 -7.63 23.48 -9.06
N GLU A 59 -8.33 24.22 -9.91
CA GLU A 59 -9.39 23.75 -10.83
C GLU A 59 -9.02 22.61 -11.80
N LEU A 60 -10.07 21.95 -12.32
CA LEU A 60 -9.93 20.81 -13.24
C LEU A 60 -9.57 21.26 -14.65
N LEU A 61 -8.55 20.62 -15.21
CA LEU A 61 -7.97 21.01 -16.51
C LEU A 61 -8.53 20.20 -17.67
N ILE A 62 -9.65 19.54 -17.41
CA ILE A 62 -10.39 18.84 -18.43
C ILE A 62 -11.84 19.28 -18.28
N ARG A 63 -12.44 19.58 -19.42
CA ARG A 63 -13.85 19.91 -19.46
C ARG A 63 -14.58 18.63 -19.11
N LYS A 64 -15.48 18.76 -18.14
CA LYS A 64 -16.32 17.66 -17.63
C LYS A 64 -16.92 16.76 -18.70
N LEU A 65 -17.41 17.35 -19.79
CA LEU A 65 -18.15 16.64 -20.83
C LEU A 65 -17.34 15.60 -21.65
N PRO A 66 -16.15 15.98 -22.21
CA PRO A 66 -15.36 14.91 -22.86
C PRO A 66 -15.01 13.77 -21.89
N PHE A 67 -14.71 14.15 -20.65
CA PHE A 67 -14.44 13.21 -19.57
C PHE A 67 -15.69 12.40 -19.25
N GLN A 68 -16.81 13.09 -19.03
CA GLN A 68 -18.13 12.51 -18.85
C GLN A 68 -18.41 11.45 -19.91
N ARG A 69 -18.08 11.78 -21.17
CA ARG A 69 -18.21 10.88 -22.30
C ARG A 69 -17.30 9.67 -22.17
N LEU A 70 -16.05 9.91 -21.73
CA LEU A 70 -15.07 8.83 -21.56
C LEU A 70 -15.43 7.87 -20.44
N VAL A 71 -16.00 8.41 -19.36
CA VAL A 71 -16.42 7.60 -18.21
C VAL A 71 -17.61 6.70 -18.55
N ARG A 72 -18.68 7.30 -19.06
CA ARG A 72 -19.92 6.60 -19.41
C ARG A 72 -19.64 5.51 -20.45
N GLU A 73 -18.73 5.81 -21.38
CA GLU A 73 -18.30 4.86 -22.40
C GLU A 73 -17.69 3.63 -21.75
N ILE A 74 -16.66 3.85 -20.94
CA ILE A 74 -15.90 2.76 -20.31
C ILE A 74 -16.76 1.93 -19.36
N ALA A 75 -17.76 2.55 -18.72
CA ALA A 75 -18.68 1.83 -17.84
C ALA A 75 -19.68 0.94 -18.58
N GLN A 76 -20.22 1.43 -19.69
CA GLN A 76 -21.12 0.62 -20.49
C GLN A 76 -20.32 -0.45 -21.25
N ASP A 77 -19.14 -0.08 -21.76
CA ASP A 77 -18.18 -1.02 -22.38
C ASP A 77 -17.66 -1.99 -21.33
N PHE A 78 -18.39 -2.05 -20.22
CA PHE A 78 -18.05 -2.86 -19.06
C PHE A 78 -19.30 -3.44 -18.37
N LYS A 79 -20.42 -2.74 -18.49
CA LYS A 79 -21.70 -3.18 -17.93
C LYS A 79 -22.81 -2.30 -18.51
N THR A 80 -23.77 -2.96 -19.15
CA THR A 80 -24.87 -2.30 -19.88
C THR A 80 -25.74 -1.37 -19.03
N ASP A 81 -26.01 -0.19 -19.60
CA ASP A 81 -26.87 0.87 -19.02
C ASP A 81 -26.65 1.15 -17.52
N LEU A 82 -25.81 2.13 -17.23
CA LEU A 82 -25.48 2.53 -15.86
C LEU A 82 -25.55 4.03 -15.67
N ARG A 83 -26.06 4.45 -14.53
CA ARG A 83 -26.16 5.88 -14.21
C ARG A 83 -25.04 6.31 -13.24
N PHE A 84 -24.78 7.61 -13.18
CA PHE A 84 -23.70 8.17 -12.36
C PHE A 84 -24.14 9.38 -11.59
N GLN A 85 -23.79 9.42 -10.30
CA GLN A 85 -23.99 10.63 -9.50
C GLN A 85 -23.08 11.73 -10.04
N SER A 86 -23.63 12.94 -10.18
CA SER A 86 -22.87 14.11 -10.64
C SER A 86 -21.52 14.22 -9.92
N SER A 87 -21.57 13.99 -8.60
CA SER A 87 -20.42 13.92 -7.70
C SER A 87 -19.44 12.85 -8.16
N ALA A 88 -19.97 11.65 -8.37
CA ALA A 88 -19.20 10.49 -8.77
C ALA A 88 -18.29 10.72 -9.98
N VAL A 89 -18.77 11.51 -10.95
CA VAL A 89 -18.01 11.82 -12.18
C VAL A 89 -16.77 12.71 -11.92
N MET A 90 -17.00 13.82 -11.20
CA MET A 90 -15.96 14.76 -10.80
C MET A 90 -14.98 14.05 -9.87
N ALA A 91 -15.54 13.33 -8.90
CA ALA A 91 -14.78 12.52 -7.93
C ALA A 91 -13.71 11.73 -8.65
N LEU A 92 -14.13 11.11 -9.74
CA LEU A 92 -13.26 10.35 -10.59
C LEU A 92 -12.25 11.25 -11.30
N GLN A 93 -12.73 12.37 -11.85
CA GLN A 93 -11.88 13.35 -12.56
C GLN A 93 -10.80 13.92 -11.67
N GLU A 94 -11.20 14.30 -10.46
CA GLU A 94 -10.30 14.78 -9.44
C GLU A 94 -9.21 13.75 -9.24
N ALA A 95 -9.64 12.50 -9.10
CA ALA A 95 -8.73 11.38 -8.92
C ALA A 95 -7.85 11.32 -10.14
N SER A 96 -8.50 11.24 -11.31
CA SER A 96 -7.83 11.01 -12.59
C SER A 96 -6.71 12.01 -12.85
N GLU A 97 -7.06 13.28 -12.73
CA GLU A 97 -6.13 14.36 -12.96
C GLU A 97 -4.99 14.29 -11.96
N ALA A 98 -5.33 14.34 -10.67
CA ALA A 98 -4.33 14.35 -9.59
C ALA A 98 -3.27 13.28 -9.78
N TYR A 99 -3.69 12.18 -10.42
CA TYR A 99 -2.82 11.06 -10.77
C TYR A 99 -1.83 11.45 -11.89
N LEU A 100 -2.37 11.89 -13.03
CA LEU A 100 -1.58 12.36 -14.17
C LEU A 100 -0.64 13.43 -13.67
N VAL A 101 -1.23 14.49 -13.13
CA VAL A 101 -0.53 15.54 -12.42
C VAL A 101 0.72 14.90 -11.80
N ALA A 102 0.48 14.01 -10.83
CA ALA A 102 1.52 13.35 -10.05
C ALA A 102 2.47 12.53 -10.92
N LEU A 103 1.91 11.73 -11.83
CA LEU A 103 2.72 10.97 -12.76
C LEU A 103 3.72 11.87 -13.47
N PHE A 104 3.20 12.88 -14.16
CA PHE A 104 4.01 13.86 -14.89
C PHE A 104 5.16 14.40 -14.07
N GLU A 105 4.92 14.69 -12.79
CA GLU A 105 5.96 15.17 -11.88
C GLU A 105 7.12 14.19 -11.89
N ASP A 106 6.79 12.91 -11.72
CA ASP A 106 7.78 11.83 -11.69
C ASP A 106 8.42 11.63 -13.05
N THR A 107 7.63 11.82 -14.11
CA THR A 107 8.09 11.73 -15.51
C THR A 107 9.09 12.83 -15.82
N ASN A 108 8.87 13.99 -15.20
CA ASN A 108 9.70 15.18 -15.33
C ASN A 108 11.15 14.85 -15.00
N LEU A 109 11.32 14.28 -13.80
CA LEU A 109 12.60 13.93 -13.19
C LEU A 109 13.34 12.87 -13.99
N CYS A 110 12.56 11.97 -14.60
CA CYS A 110 13.08 10.93 -15.46
C CYS A 110 13.81 11.55 -16.65
N ALA A 111 13.18 12.56 -17.26
CA ALA A 111 13.78 13.29 -18.37
C ALA A 111 15.09 13.91 -17.91
N ILE A 112 14.98 14.75 -16.89
CA ILE A 112 16.11 15.48 -16.34
C ILE A 112 17.25 14.54 -15.96
N HIS A 113 16.90 13.31 -15.54
CA HIS A 113 17.93 12.32 -15.19
C HIS A 113 18.72 11.85 -16.41
N ALA A 114 18.05 11.80 -17.56
CA ALA A 114 18.68 11.37 -18.81
C ALA A 114 19.50 12.50 -19.46
N LYS A 115 19.71 13.59 -18.70
CA LYS A 115 20.38 14.83 -19.17
C LYS A 115 19.56 15.49 -20.26
N ARG A 116 18.26 15.20 -20.25
CA ARG A 116 17.31 15.64 -21.26
C ARG A 116 16.42 16.77 -20.71
N VAL A 117 15.64 17.37 -21.60
CA VAL A 117 14.73 18.48 -21.26
C VAL A 117 13.29 18.13 -21.64
N THR A 118 13.15 17.17 -22.56
CA THR A 118 11.85 16.82 -23.14
C THR A 118 11.31 15.45 -22.67
N ILE A 119 10.06 15.45 -22.22
CA ILE A 119 9.36 14.22 -21.75
C ILE A 119 8.90 13.35 -22.93
N MET A 120 9.10 12.03 -22.85
CA MET A 120 8.72 11.12 -23.94
C MET A 120 8.18 9.77 -23.42
N PRO A 121 7.49 8.97 -24.29
CA PRO A 121 7.03 7.65 -23.87
C PRO A 121 8.04 6.90 -22.97
N LYS A 122 9.33 6.98 -23.34
CA LYS A 122 10.43 6.34 -22.62
C LYS A 122 10.48 6.67 -21.13
N ASP A 123 10.08 7.89 -20.79
CA ASP A 123 10.01 8.35 -19.41
C ASP A 123 8.83 7.72 -18.68
N ILE A 124 7.62 7.94 -19.20
CA ILE A 124 6.39 7.38 -18.60
C ILE A 124 6.54 5.89 -18.35
N GLN A 125 7.12 5.19 -19.32
CA GLN A 125 7.47 3.77 -19.18
C GLN A 125 8.26 3.54 -17.88
N LEU A 126 9.42 4.19 -17.77
CA LEU A 126 10.28 4.11 -16.58
C LEU A 126 9.50 4.50 -15.32
N ALA A 127 8.75 5.60 -15.42
CA ALA A 127 7.91 6.11 -14.33
C ALA A 127 6.91 5.07 -13.82
N ARG A 128 6.15 4.48 -14.73
CA ARG A 128 5.15 3.49 -14.38
C ARG A 128 5.76 2.15 -13.97
N ARG A 129 6.93 1.83 -14.50
CA ARG A 129 7.61 0.55 -14.23
C ARG A 129 8.19 0.49 -12.83
N ILE A 130 8.76 1.61 -12.40
CA ILE A 130 9.31 1.73 -11.07
C ILE A 130 8.18 1.91 -10.04
N ARG A 131 7.14 2.66 -10.43
CA ARG A 131 5.95 2.82 -9.60
C ARG A 131 5.31 1.47 -9.26
N GLY A 132 5.23 0.58 -10.26
CA GLY A 132 4.60 -0.73 -10.13
C GLY A 132 3.17 -0.74 -10.64
N GLU A 133 3.02 -0.71 -11.96
CA GLU A 133 1.72 -0.75 -12.65
C GLU A 133 1.99 -1.22 -14.06
N ARG A 134 3.28 -1.38 -14.32
CA ARG A 134 3.83 -1.81 -15.58
C ARG A 134 4.94 -2.82 -15.27
N ALA A 135 5.39 -2.81 -14.01
CA ALA A 135 6.50 -3.63 -13.48
C ALA A 135 6.38 -5.12 -13.77
N ARG B 23 -17.32 7.43 -29.59
CA ARG B 23 -16.23 7.23 -30.59
C ARG B 23 -15.04 8.19 -30.41
N ASP B 24 -13.96 7.64 -29.83
CA ASP B 24 -12.73 8.38 -29.52
C ASP B 24 -12.97 9.54 -28.54
N ASN B 25 -13.73 9.28 -27.47
CA ASN B 25 -13.90 10.27 -26.40
C ASN B 25 -12.59 10.38 -25.67
N ILE B 26 -11.76 9.35 -25.86
CA ILE B 26 -10.39 9.31 -25.40
C ILE B 26 -9.57 10.35 -26.16
N GLN B 27 -9.96 10.62 -27.42
CA GLN B 27 -9.34 11.70 -28.19
C GLN B 27 -9.98 13.04 -27.81
N GLY B 28 -11.08 12.99 -27.05
CA GLY B 28 -11.78 14.16 -26.49
C GLY B 28 -11.00 14.83 -25.37
N ILE B 29 -10.03 14.10 -24.83
CA ILE B 29 -9.03 14.63 -23.90
C ILE B 29 -8.04 15.38 -24.78
N THR B 30 -8.32 16.68 -24.90
CA THR B 30 -7.62 17.60 -25.80
C THR B 30 -6.13 17.70 -25.49
N LYS B 31 -5.34 17.77 -26.56
CA LYS B 31 -3.89 17.93 -26.45
C LYS B 31 -3.48 19.11 -25.55
N PRO B 32 -4.19 20.27 -25.63
CA PRO B 32 -3.91 21.34 -24.65
C PRO B 32 -4.21 20.94 -23.19
N ALA B 33 -5.40 20.40 -22.92
CA ALA B 33 -5.79 19.90 -21.59
C ALA B 33 -4.72 18.98 -21.00
N ILE B 34 -4.12 18.15 -21.88
CA ILE B 34 -2.98 17.28 -21.54
C ILE B 34 -1.79 18.12 -21.10
N ARG B 35 -1.35 19.07 -21.94
CA ARG B 35 -0.17 19.87 -21.57
C ARG B 35 -0.42 20.76 -20.35
N ARG B 36 -1.65 21.23 -20.15
CA ARG B 36 -2.02 22.02 -18.97
C ARG B 36 -1.74 21.21 -17.71
N LEU B 37 -2.21 19.96 -17.71
CA LEU B 37 -1.94 19.00 -16.65
C LEU B 37 -0.44 18.75 -16.50
N ALA B 38 0.26 18.63 -17.63
CA ALA B 38 1.72 18.41 -17.64
C ALA B 38 2.47 19.59 -16.99
N ARG B 39 2.12 20.81 -17.40
CA ARG B 39 2.73 22.03 -16.84
C ARG B 39 2.67 22.03 -15.30
N ARG B 40 1.49 21.71 -14.77
CA ARG B 40 1.24 21.60 -13.33
C ARG B 40 2.23 20.64 -12.63
N GLY B 41 2.82 19.72 -13.41
CA GLY B 41 3.83 18.79 -12.92
C GLY B 41 5.22 19.39 -12.84
N GLY B 42 5.38 20.57 -13.46
CA GLY B 42 6.65 21.28 -13.55
C GLY B 42 7.35 20.94 -14.85
N VAL B 43 6.57 20.90 -15.93
CA VAL B 43 7.04 20.39 -17.22
C VAL B 43 7.36 21.48 -18.26
N LYS B 44 8.60 21.43 -18.76
CA LYS B 44 9.13 22.42 -19.70
C LYS B 44 8.94 22.01 -21.17
N ARG B 45 9.44 20.82 -21.53
CA ARG B 45 9.34 20.34 -22.92
C ARG B 45 8.53 19.05 -23.04
N ILE B 46 7.59 19.06 -23.99
CA ILE B 46 6.63 17.98 -24.19
C ILE B 46 6.68 17.47 -25.64
N SER B 47 6.89 16.16 -25.81
CA SER B 47 6.92 15.52 -27.14
C SER B 47 5.51 15.29 -27.71
N GLY B 48 5.43 15.12 -29.02
CA GLY B 48 4.16 14.83 -29.70
C GLY B 48 3.66 13.43 -29.43
N LEU B 49 4.59 12.51 -29.19
CA LEU B 49 4.29 11.10 -28.88
C LEU B 49 3.61 10.93 -27.52
N ILE B 50 3.96 11.81 -26.58
CA ILE B 50 3.41 11.85 -25.22
C ILE B 50 1.90 11.78 -25.19
N TYR B 51 1.26 12.73 -25.88
CA TYR B 51 -0.19 12.93 -25.85
C TYR B 51 -0.97 11.63 -26.05
N GLU B 52 -0.45 10.74 -26.90
CA GLU B 52 -1.04 9.42 -27.11
C GLU B 52 -0.77 8.53 -25.90
N GLU B 53 0.51 8.36 -25.56
CA GLU B 53 0.93 7.56 -24.42
C GLU B 53 0.07 7.86 -23.20
N THR B 54 -0.02 9.16 -22.88
CA THR B 54 -0.85 9.71 -21.80
C THR B 54 -2.26 9.15 -21.86
N ARG B 55 -2.94 9.43 -22.96
CA ARG B 55 -4.30 8.96 -23.18
C ARG B 55 -4.41 7.49 -22.83
N GLY B 56 -3.41 6.71 -23.27
CA GLY B 56 -3.31 5.28 -23.00
C GLY B 56 -3.37 5.03 -21.51
N VAL B 57 -2.39 5.58 -20.80
CA VAL B 57 -2.27 5.47 -19.35
C VAL B 57 -3.58 5.84 -18.64
N LEU B 58 -4.15 6.99 -19.01
CA LEU B 58 -5.42 7.46 -18.46
C LEU B 58 -6.48 6.40 -18.61
N LYS B 59 -6.65 5.90 -19.84
CA LYS B 59 -7.60 4.85 -20.14
C LYS B 59 -7.40 3.74 -19.13
N VAL B 60 -6.19 3.18 -19.12
CA VAL B 60 -5.79 2.10 -18.20
C VAL B 60 -6.22 2.42 -16.77
N PHE B 61 -5.83 3.60 -16.30
CA PHE B 61 -6.18 4.08 -14.97
C PHE B 61 -7.68 3.93 -14.81
N LEU B 62 -8.41 4.74 -15.59
CA LEU B 62 -9.87 4.75 -15.58
C LEU B 62 -10.47 3.37 -15.61
N GLU B 63 -10.10 2.57 -16.62
CA GLU B 63 -10.56 1.19 -16.74
C GLU B 63 -10.54 0.53 -15.37
N ASN B 64 -9.33 0.46 -14.80
CA ASN B 64 -9.02 -0.22 -13.54
C ASN B 64 -9.88 0.23 -12.38
N VAL B 65 -10.03 1.55 -12.27
CA VAL B 65 -10.85 2.18 -11.25
C VAL B 65 -12.32 1.82 -11.48
N ILE B 66 -12.86 2.28 -12.62
CA ILE B 66 -14.26 2.09 -13.00
C ILE B 66 -14.65 0.63 -12.83
N ARG B 67 -13.79 -0.28 -13.28
CA ARG B 67 -14.00 -1.72 -13.13
C ARG B 67 -14.41 -2.07 -11.72
N ASP B 68 -13.55 -1.70 -10.76
CA ASP B 68 -13.75 -1.98 -9.34
C ASP B 68 -14.92 -1.17 -8.81
N ALA B 69 -15.03 0.07 -9.31
CA ALA B 69 -16.08 1.01 -8.90
C ALA B 69 -17.46 0.43 -9.17
N VAL B 70 -17.64 -0.08 -10.39
CA VAL B 70 -18.89 -0.68 -10.82
C VAL B 70 -19.16 -1.96 -10.05
N THR B 71 -18.11 -2.75 -9.80
CA THR B 71 -18.20 -4.02 -9.05
C THR B 71 -18.95 -3.82 -7.73
N TYR B 72 -18.78 -2.62 -7.18
CA TYR B 72 -19.52 -2.17 -6.00
C TYR B 72 -20.97 -1.83 -6.34
N THR B 73 -21.16 -0.96 -7.33
CA THR B 73 -22.50 -0.55 -7.78
C THR B 73 -23.33 -1.82 -8.03
N GLU B 74 -22.74 -2.72 -8.80
CA GLU B 74 -23.33 -4.01 -9.13
C GLU B 74 -23.74 -4.75 -7.85
N HIS B 75 -22.82 -4.80 -6.88
CA HIS B 75 -23.08 -5.54 -5.64
C HIS B 75 -24.22 -4.94 -4.81
N ALA B 76 -24.31 -3.62 -4.83
CA ALA B 76 -25.33 -2.90 -4.07
C ALA B 76 -26.74 -3.18 -4.59
N LYS B 77 -26.81 -3.91 -5.71
CA LYS B 77 -28.05 -4.19 -6.45
C LYS B 77 -28.60 -2.87 -6.99
N ARG B 78 -27.69 -1.94 -7.25
CA ARG B 78 -28.03 -0.62 -7.72
C ARG B 78 -27.64 -0.46 -9.18
N LYS B 79 -28.34 0.43 -9.88
CA LYS B 79 -28.10 0.75 -11.30
C LYS B 79 -27.41 2.11 -11.48
N THR B 80 -27.31 2.86 -10.38
CA THR B 80 -26.66 4.17 -10.38
C THR B 80 -25.33 4.13 -9.62
N VAL B 81 -24.27 4.60 -10.28
CA VAL B 81 -22.92 4.64 -9.69
C VAL B 81 -22.81 5.85 -8.78
N THR B 82 -22.63 5.57 -7.50
CA THR B 82 -22.55 6.63 -6.48
C THR B 82 -21.11 7.11 -6.32
N ALA B 83 -20.95 8.26 -5.66
CA ALA B 83 -19.63 8.78 -5.31
C ALA B 83 -18.87 7.81 -4.41
N MET B 84 -19.59 7.23 -3.44
CA MET B 84 -19.05 6.22 -2.51
C MET B 84 -18.40 5.03 -3.21
N ASP B 85 -19.14 4.44 -4.15
CA ASP B 85 -18.63 3.39 -5.03
C ASP B 85 -17.31 3.83 -5.63
N VAL B 86 -17.29 5.02 -6.23
CA VAL B 86 -16.09 5.58 -6.86
C VAL B 86 -14.97 5.66 -5.84
N VAL B 87 -15.28 6.11 -4.63
CA VAL B 87 -14.27 6.29 -3.59
C VAL B 87 -13.78 4.96 -3.01
N TYR B 88 -14.71 4.07 -2.63
CA TYR B 88 -14.33 2.76 -2.09
C TYR B 88 -13.38 2.03 -3.04
N ALA B 89 -13.54 2.31 -4.33
CA ALA B 89 -12.72 1.76 -5.39
C ALA B 89 -11.33 2.40 -5.38
N LEU B 90 -11.31 3.72 -5.26
CA LEU B 90 -10.07 4.47 -5.18
C LEU B 90 -9.26 4.07 -3.94
N LYS B 91 -9.96 3.85 -2.83
CA LYS B 91 -9.35 3.35 -1.59
C LYS B 91 -8.65 2.01 -1.84
N ARG B 92 -9.40 1.04 -2.35
CA ARG B 92 -8.89 -0.25 -2.76
C ARG B 92 -7.63 -0.10 -3.60
N GLN B 93 -7.68 0.81 -4.58
CA GLN B 93 -6.56 1.11 -5.47
C GLN B 93 -5.34 1.69 -4.75
N GLY B 94 -5.57 2.23 -3.55
CA GLY B 94 -4.52 2.90 -2.81
C GLY B 94 -4.36 4.30 -3.36
N ARG B 95 -5.49 4.97 -3.51
CA ARG B 95 -5.59 6.35 -3.99
C ARG B 95 -6.51 7.18 -3.11
N THR B 96 -6.72 6.72 -1.87
CA THR B 96 -7.57 7.31 -0.82
C THR B 96 -8.02 8.73 -1.15
N LEU B 97 -9.32 8.91 -1.37
CA LEU B 97 -9.83 10.23 -1.76
C LEU B 97 -10.63 10.91 -0.65
N TYR B 98 -10.40 12.22 -0.58
CA TYR B 98 -10.99 13.08 0.43
C TYR B 98 -11.86 14.12 -0.23
N GLY B 99 -13.08 14.25 0.26
CA GLY B 99 -13.97 15.31 -0.19
C GLY B 99 -15.26 14.91 -0.87
N PHE B 100 -15.61 13.62 -0.78
CA PHE B 100 -16.84 13.12 -1.40
C PHE B 100 -17.61 12.18 -0.45
N GLY B 101 -17.39 12.39 0.85
CA GLY B 101 -17.96 11.53 1.89
C GLY B 101 -17.04 10.35 2.10
N GLY B 102 -15.79 10.49 1.64
CA GLY B 102 -14.79 9.43 1.65
C GLY B 102 -14.01 9.28 2.95
N ALA C 14 -21.94 -39.36 10.75
CA ALA C 14 -21.55 -37.94 10.49
C ALA C 14 -20.68 -37.80 9.23
N LYS C 15 -20.86 -36.69 8.53
CA LYS C 15 -20.11 -36.40 7.30
C LYS C 15 -19.42 -35.04 7.44
N THR C 16 -18.13 -35.00 7.08
CA THR C 16 -17.36 -33.76 7.10
C THR C 16 -17.96 -32.78 6.11
N ARG C 17 -18.16 -31.53 6.56
CA ARG C 17 -18.73 -30.48 5.72
C ARG C 17 -17.93 -30.22 4.44
N SER C 18 -16.64 -30.57 4.47
CA SER C 18 -15.73 -30.45 3.32
C SER C 18 -16.10 -31.43 2.22
N SER C 19 -16.36 -32.67 2.63
CA SER C 19 -16.82 -33.72 1.72
C SER C 19 -18.23 -33.41 1.18
N ARG C 20 -18.98 -32.62 1.92
CA ARG C 20 -20.32 -32.17 1.49
C ARG C 20 -20.22 -31.13 0.38
N ALA C 21 -19.00 -30.71 0.07
CA ALA C 21 -18.70 -29.82 -1.04
C ALA C 21 -17.59 -30.40 -1.93
N GLY C 22 -17.13 -31.59 -1.57
CA GLY C 22 -16.10 -32.32 -2.34
C GLY C 22 -14.78 -31.61 -2.30
N LEU C 23 -14.44 -31.09 -1.12
CA LEU C 23 -13.26 -30.27 -0.91
C LEU C 23 -12.29 -30.96 0.01
N GLN C 24 -11.01 -30.66 -0.19
CA GLN C 24 -9.95 -31.17 0.69
C GLN C 24 -9.70 -30.22 1.87
N PHE C 25 -10.06 -28.94 1.66
CA PHE C 25 -9.87 -27.85 2.63
C PHE C 25 -10.93 -27.85 3.73
N PRO C 26 -10.52 -27.50 4.98
CA PRO C 26 -11.41 -27.61 6.13
C PRO C 26 -12.52 -26.55 6.20
N VAL C 27 -13.71 -26.93 5.74
CA VAL C 27 -14.86 -26.01 5.68
C VAL C 27 -15.29 -25.56 7.08
N GLY C 28 -15.16 -26.45 8.06
CA GLY C 28 -15.51 -26.15 9.45
C GLY C 28 -14.55 -25.17 10.07
N ARG C 29 -13.26 -25.40 9.80
CA ARG C 29 -12.17 -24.55 10.30
C ARG C 29 -12.38 -23.10 9.90
N VAL C 30 -12.62 -22.88 8.60
CA VAL C 30 -12.90 -21.58 8.01
C VAL C 30 -14.11 -20.90 8.70
N HIS C 31 -15.15 -21.69 8.94
CA HIS C 31 -16.35 -21.20 9.61
C HIS C 31 -16.01 -20.67 11.00
N ARG C 32 -15.12 -21.36 11.71
CA ARG C 32 -14.66 -20.93 13.02
C ARG C 32 -13.74 -19.72 12.88
N LEU C 33 -12.83 -19.79 11.91
CA LEU C 33 -11.82 -18.75 11.64
C LEU C 33 -12.38 -17.41 11.20
N LEU C 34 -13.61 -17.42 10.70
CA LEU C 34 -14.30 -16.17 10.35
C LEU C 34 -15.03 -15.56 11.54
N ARG C 35 -15.29 -16.39 12.56
CA ARG C 35 -15.85 -15.93 13.83
C ARG C 35 -14.72 -15.35 14.68
N LYS C 36 -13.65 -16.13 14.82
CA LYS C 36 -12.45 -15.74 15.59
C LYS C 36 -11.58 -14.71 14.85
N GLY C 37 -12.21 -13.76 14.17
CA GLY C 37 -11.50 -12.71 13.47
C GLY C 37 -12.25 -11.39 13.49
N ASN C 38 -13.43 -11.40 14.13
CA ASN C 38 -14.34 -10.24 14.24
C ASN C 38 -14.61 -9.60 12.88
N TYR C 39 -14.79 -10.45 11.86
CA TYR C 39 -15.02 -9.98 10.49
C TYR C 39 -16.43 -9.38 10.34
N ALA C 40 -17.41 -10.04 10.93
CA ALA C 40 -18.76 -9.50 11.01
C ALA C 40 -19.47 -10.04 12.24
N GLU C 41 -20.55 -9.35 12.62
CA GLU C 41 -21.45 -9.77 13.67
C GLU C 41 -21.95 -11.17 13.40
N ARG C 42 -22.19 -11.47 12.12
CA ARG C 42 -22.81 -12.73 11.73
C ARG C 42 -22.20 -13.32 10.45
N VAL C 43 -21.63 -14.51 10.58
CA VAL C 43 -21.01 -15.22 9.45
C VAL C 43 -22.09 -16.08 8.79
N GLY C 44 -22.01 -16.24 7.47
CA GLY C 44 -22.95 -17.07 6.73
C GLY C 44 -22.70 -18.55 6.92
N ALA C 45 -23.52 -19.35 6.24
CA ALA C 45 -23.39 -20.81 6.28
C ALA C 45 -22.70 -21.33 5.02
N GLY C 46 -22.88 -20.63 3.91
CA GLY C 46 -22.27 -20.98 2.64
C GLY C 46 -20.95 -20.29 2.35
N ALA C 47 -20.73 -19.16 3.04
CA ALA C 47 -19.50 -18.37 2.91
C ALA C 47 -18.21 -19.12 3.35
N PRO C 48 -18.24 -19.83 4.52
CA PRO C 48 -17.06 -20.63 4.87
C PRO C 48 -16.76 -21.74 3.87
N VAL C 49 -17.80 -22.17 3.15
CA VAL C 49 -17.71 -23.20 2.13
C VAL C 49 -17.10 -22.62 0.87
N TYR C 50 -17.74 -21.54 0.36
CA TYR C 50 -17.28 -20.78 -0.81
C TYR C 50 -15.79 -20.44 -0.71
N LEU C 51 -15.45 -19.75 0.37
CA LEU C 51 -14.09 -19.34 0.62
C LEU C 51 -13.12 -20.51 0.69
N ALA C 52 -13.45 -21.54 1.48
CA ALA C 52 -12.61 -22.75 1.64
C ALA C 52 -12.20 -23.37 0.30
N ALA C 53 -13.08 -23.19 -0.69
CA ALA C 53 -12.88 -23.65 -2.07
C ALA C 53 -11.97 -22.72 -2.86
N VAL C 54 -12.20 -21.41 -2.73
CA VAL C 54 -11.37 -20.39 -3.38
C VAL C 54 -9.93 -20.69 -3.02
N LEU C 55 -9.69 -20.79 -1.71
CA LEU C 55 -8.40 -21.13 -1.15
C LEU C 55 -7.90 -22.44 -1.72
N GLU C 56 -8.73 -23.50 -1.68
CA GLU C 56 -8.38 -24.79 -2.28
C GLU C 56 -7.90 -24.61 -3.71
N TYR C 57 -8.71 -23.93 -4.53
CA TYR C 57 -8.37 -23.68 -5.92
C TYR C 57 -6.99 -23.03 -6.07
N LEU C 58 -6.81 -21.92 -5.37
CA LEU C 58 -5.58 -21.15 -5.49
C LEU C 58 -4.35 -21.93 -5.07
N THR C 59 -4.48 -22.68 -3.98
CA THR C 59 -3.43 -23.54 -3.46
C THR C 59 -3.01 -24.51 -4.55
N ALA C 60 -4.00 -25.24 -5.07
CA ALA C 60 -3.79 -26.22 -6.10
C ALA C 60 -3.25 -25.57 -7.37
N GLU C 61 -3.79 -24.40 -7.72
CA GLU C 61 -3.32 -23.62 -8.86
C GLU C 61 -1.80 -23.35 -8.82
N ILE C 62 -1.29 -22.89 -7.66
CA ILE C 62 0.16 -22.67 -7.47
C ILE C 62 0.88 -23.99 -7.55
N LEU C 63 0.56 -24.89 -6.61
CA LEU C 63 1.12 -26.24 -6.56
C LEU C 63 1.27 -26.83 -7.96
N GLU C 64 0.28 -26.60 -8.81
CA GLU C 64 0.31 -27.05 -10.20
C GLU C 64 1.55 -26.51 -10.91
N LEU C 65 1.73 -25.19 -10.83
CA LEU C 65 2.82 -24.50 -11.50
C LEU C 65 4.14 -24.75 -10.79
N ALA C 66 4.06 -25.05 -9.49
CA ALA C 66 5.20 -25.36 -8.65
C ALA C 66 5.81 -26.72 -9.02
N GLY C 67 4.95 -27.73 -9.12
CA GLY C 67 5.34 -29.08 -9.49
C GLY C 67 6.18 -29.13 -10.75
N ASN C 68 5.64 -28.54 -11.81
CA ASN C 68 6.32 -28.43 -13.11
C ASN C 68 7.67 -27.72 -12.98
N ALA C 69 7.69 -26.65 -12.17
CA ALA C 69 8.91 -25.90 -11.91
C ALA C 69 9.93 -26.82 -11.27
N ALA C 70 9.49 -27.56 -10.25
CA ALA C 70 10.32 -28.55 -9.52
C ALA C 70 10.79 -29.69 -10.44
N ARG C 71 9.98 -29.97 -11.47
CA ARG C 71 10.30 -31.01 -12.44
C ARG C 71 11.31 -30.53 -13.48
N ASP C 72 11.14 -29.29 -13.96
CA ASP C 72 12.08 -28.69 -14.92
C ASP C 72 13.49 -28.60 -14.36
N ASN C 73 13.58 -28.42 -13.04
CA ASN C 73 14.85 -28.32 -12.33
C ASN C 73 15.31 -29.65 -11.75
N LYS C 74 14.62 -30.72 -12.15
CA LYS C 74 15.01 -32.13 -11.88
C LYS C 74 14.96 -32.55 -10.41
N LYS C 75 13.85 -32.27 -9.75
CA LYS C 75 13.68 -32.65 -8.34
C LYS C 75 12.28 -33.17 -8.01
N THR C 76 12.18 -33.85 -6.86
CA THR C 76 10.92 -34.40 -6.32
C THR C 76 10.18 -33.38 -5.45
N ARG C 77 10.86 -32.89 -4.41
CA ARG C 77 10.24 -31.98 -3.44
C ARG C 77 10.26 -30.54 -3.93
N ILE C 78 9.09 -29.91 -3.86
CA ILE C 78 8.94 -28.51 -4.22
C ILE C 78 9.57 -27.67 -3.14
N ILE C 79 10.60 -26.92 -3.50
CA ILE C 79 11.26 -26.02 -2.56
C ILE C 79 10.88 -24.55 -2.86
N PRO C 80 11.18 -23.62 -1.94
CA PRO C 80 10.89 -22.21 -2.13
C PRO C 80 11.11 -21.70 -3.56
N ARG C 81 12.34 -21.86 -4.08
CA ARG C 81 12.71 -21.36 -5.40
C ARG C 81 11.69 -21.71 -6.45
N HIS C 82 11.17 -22.94 -6.38
CA HIS C 82 10.16 -23.44 -7.31
C HIS C 82 8.89 -22.62 -7.23
N LEU C 83 8.47 -22.28 -6.01
CA LEU C 83 7.30 -21.43 -5.77
C LEU C 83 7.46 -20.03 -6.37
N GLN C 84 8.66 -19.48 -6.25
CA GLN C 84 9.01 -18.18 -6.85
C GLN C 84 9.12 -18.28 -8.39
N LEU C 85 9.85 -19.28 -8.87
CA LEU C 85 9.97 -19.53 -10.29
C LEU C 85 8.60 -19.70 -10.89
N ALA C 86 7.66 -20.21 -10.09
CA ALA C 86 6.27 -20.36 -10.52
C ALA C 86 5.62 -18.99 -10.59
N VAL C 87 5.37 -18.43 -9.40
CA VAL C 87 4.70 -17.15 -9.22
C VAL C 87 5.21 -16.04 -10.15
N ARG C 88 6.53 -15.82 -10.15
CA ARG C 88 7.09 -14.72 -10.92
C ARG C 88 7.08 -14.95 -12.44
N ASN C 89 7.19 -16.21 -12.87
CA ASN C 89 7.12 -16.53 -14.30
C ASN C 89 5.69 -16.50 -14.80
N ASP C 90 4.76 -16.86 -13.92
CA ASP C 90 3.32 -16.74 -14.18
C ASP C 90 2.92 -15.27 -14.21
N GLU C 91 1.97 -14.94 -15.08
CA GLU C 91 1.43 -13.59 -15.24
C GLU C 91 0.60 -13.11 -14.05
N GLU C 92 -0.52 -13.79 -13.82
CA GLU C 92 -1.52 -13.38 -12.83
C GLU C 92 -1.07 -13.51 -11.36
N LEU C 93 -0.58 -14.68 -10.94
CA LEU C 93 -0.07 -14.83 -9.55
C LEU C 93 0.90 -13.72 -9.17
N ASN C 94 1.87 -13.47 -10.05
CA ASN C 94 2.84 -12.39 -9.92
C ASN C 94 2.19 -11.04 -9.63
N LYS C 95 1.04 -10.77 -10.26
CA LYS C 95 0.26 -9.55 -10.01
C LYS C 95 -0.40 -9.63 -8.65
N LEU C 96 -1.05 -10.76 -8.36
CA LEU C 96 -1.70 -10.98 -7.07
C LEU C 96 -0.70 -10.85 -5.94
N LEU C 97 0.43 -11.57 -6.05
CA LEU C 97 1.49 -11.48 -5.07
C LEU C 97 2.49 -10.41 -5.50
N GLY C 98 2.03 -9.16 -5.56
CA GLY C 98 2.86 -8.05 -5.99
C GLY C 98 3.75 -7.53 -4.88
N ARG C 99 3.12 -7.19 -3.76
CA ARG C 99 3.80 -6.59 -2.62
C ARG C 99 4.42 -7.66 -1.71
N VAL C 100 4.32 -8.92 -2.15
CA VAL C 100 4.75 -10.10 -1.39
C VAL C 100 6.14 -10.60 -1.74
N THR C 101 6.91 -10.91 -0.70
CA THR C 101 8.21 -11.57 -0.89
C THR C 101 8.26 -12.97 -0.26
N ILE C 102 8.76 -13.90 -1.07
CA ILE C 102 8.95 -15.28 -0.70
C ILE C 102 10.36 -15.51 -0.12
N ALA C 103 10.41 -16.12 1.06
CA ALA C 103 11.67 -16.51 1.68
C ALA C 103 12.46 -17.46 0.78
N GLN C 104 13.76 -17.23 0.61
CA GLN C 104 14.63 -18.04 -0.25
C GLN C 104 14.11 -18.12 -1.69
N GLY C 105 13.51 -17.04 -2.18
CA GLY C 105 12.86 -17.00 -3.49
C GLY C 105 13.78 -16.89 -4.70
N GLY C 106 14.90 -16.21 -4.54
CA GLY C 106 15.77 -15.90 -5.67
C GLY C 106 15.08 -14.86 -6.54
N VAL C 107 15.35 -14.94 -7.83
CA VAL C 107 14.80 -13.98 -8.81
C VAL C 107 14.81 -14.63 -10.21
N LEU C 108 13.92 -14.16 -11.09
CA LEU C 108 13.93 -14.59 -12.48
C LEU C 108 15.19 -14.09 -13.17
N PRO C 109 16.00 -15.02 -13.73
CA PRO C 109 17.17 -14.56 -14.42
C PRO C 109 16.71 -13.78 -15.63
N ASN C 110 17.09 -12.51 -15.65
CA ASN C 110 16.73 -11.61 -16.72
C ASN C 110 17.75 -10.48 -16.76
N ILE C 111 18.65 -10.58 -17.73
CA ILE C 111 19.65 -9.55 -17.98
C ILE C 111 19.10 -8.63 -19.06
N GLN C 112 19.40 -7.36 -18.91
CA GLN C 112 19.01 -6.34 -19.87
C GLN C 112 19.71 -6.53 -21.20
N SER C 113 18.94 -6.44 -22.28
CA SER C 113 19.45 -6.59 -23.64
C SER C 113 20.15 -5.31 -24.13
N VAL C 114 20.96 -4.73 -23.24
CA VAL C 114 21.75 -3.52 -23.49
C VAL C 114 23.18 -3.75 -22.94
N LEU C 115 23.29 -4.70 -22.02
CA LEU C 115 24.54 -5.00 -21.33
C LEU C 115 25.25 -6.22 -21.93
N LEU C 116 24.51 -6.95 -22.77
CA LEU C 116 24.99 -8.16 -23.45
C LEU C 116 26.10 -7.81 -24.46
N PRO C 117 27.19 -8.63 -24.53
CA PRO C 117 28.45 -8.46 -25.29
C PRO C 117 28.44 -7.56 -26.55
N LYS C 118 28.78 -8.12 -27.73
CA LYS C 118 28.81 -7.36 -28.99
C LYS C 118 28.11 -8.12 -30.12
N LYS D 28 2.87 -29.55 25.59
CA LYS D 28 2.18 -29.28 24.29
C LYS D 28 1.88 -27.78 24.12
N THR D 29 1.89 -27.35 22.87
CA THR D 29 1.61 -25.95 22.50
C THR D 29 0.40 -25.87 21.54
N ARG D 30 0.41 -26.73 20.51
CA ARG D 30 -0.64 -26.83 19.45
C ARG D 30 -0.82 -25.57 18.59
N LYS D 31 -0.21 -25.58 17.40
CA LYS D 31 -0.33 -24.48 16.44
C LYS D 31 -0.83 -24.97 15.08
N GLU D 32 -2.12 -25.31 15.04
CA GLU D 32 -2.82 -25.80 13.85
C GLU D 32 -2.52 -25.00 12.58
N SER D 33 -2.26 -25.71 11.49
CA SER D 33 -1.88 -25.08 10.22
C SER D 33 -2.79 -25.51 9.07
N TYR D 34 -2.18 -25.98 7.99
CA TYR D 34 -2.88 -26.37 6.77
C TYR D 34 -2.14 -27.45 6.04
N ALA D 35 -0.89 -27.69 6.43
CA ALA D 35 0.03 -28.59 5.73
C ALA D 35 -0.63 -29.88 5.28
N ILE D 36 -1.57 -30.34 6.11
CA ILE D 36 -2.31 -31.57 5.86
C ILE D 36 -3.11 -31.45 4.55
N TYR D 37 -3.77 -30.32 4.37
CA TYR D 37 -4.62 -30.05 3.21
C TYR D 37 -3.80 -29.63 2.01
N VAL D 38 -2.79 -28.79 2.22
CA VAL D 38 -1.88 -28.38 1.15
C VAL D 38 -1.23 -29.62 0.55
N TYR D 39 -0.97 -30.61 1.41
CA TYR D 39 -0.44 -31.90 0.97
C TYR D 39 -1.50 -32.64 0.14
N LYS D 40 -2.73 -32.65 0.64
CA LYS D 40 -3.86 -33.29 -0.05
C LYS D 40 -4.02 -32.75 -1.46
N VAL D 41 -4.06 -31.43 -1.60
CA VAL D 41 -4.20 -30.76 -2.92
C VAL D 41 -2.92 -30.76 -3.81
N LEU D 42 -1.79 -31.15 -3.21
CA LEU D 42 -0.56 -31.39 -3.95
C LEU D 42 -0.65 -32.78 -4.60
N LYS D 43 -0.83 -33.80 -3.76
CA LYS D 43 -0.94 -35.18 -4.23
C LYS D 43 -2.02 -35.34 -5.29
N GLN D 44 -3.01 -34.45 -5.21
CA GLN D 44 -4.12 -34.40 -6.14
C GLN D 44 -3.60 -34.03 -7.53
N VAL D 45 -2.85 -32.94 -7.64
CA VAL D 45 -2.31 -32.55 -8.96
C VAL D 45 -1.09 -33.40 -9.27
N HIS D 46 -0.12 -33.43 -8.35
CA HIS D 46 1.12 -34.17 -8.51
C HIS D 46 1.30 -35.24 -7.43
N PRO D 47 0.95 -36.50 -7.77
CA PRO D 47 1.05 -37.62 -6.84
C PRO D 47 2.49 -38.09 -6.62
N ASP D 48 3.40 -37.77 -7.55
CA ASP D 48 4.81 -38.12 -7.44
C ASP D 48 5.69 -36.88 -7.34
N THR D 49 5.55 -36.14 -6.23
CA THR D 49 6.30 -34.90 -5.94
C THR D 49 6.19 -34.56 -4.43
N GLY D 50 7.32 -34.34 -3.77
CA GLY D 50 7.33 -33.98 -2.33
C GLY D 50 7.22 -32.47 -2.10
N ILE D 51 7.77 -31.97 -1.00
CA ILE D 51 7.77 -30.52 -0.68
C ILE D 51 8.51 -30.16 0.65
N SER D 52 9.57 -29.34 0.52
CA SER D 52 10.34 -28.83 1.66
C SER D 52 9.47 -28.10 2.67
N SER D 53 9.70 -28.36 3.96
CA SER D 53 9.00 -27.66 5.04
C SER D 53 9.08 -26.14 4.90
N LYS D 54 10.24 -25.62 4.44
CA LYS D 54 10.39 -24.20 4.14
C LYS D 54 9.34 -23.76 3.10
N ALA D 55 9.26 -24.49 2.00
CA ALA D 55 8.31 -24.20 0.94
C ALA D 55 6.89 -24.29 1.48
N MET D 56 6.64 -25.31 2.29
CA MET D 56 5.32 -25.51 2.90
C MET D 56 4.95 -24.33 3.76
N SER D 57 5.95 -23.70 4.38
CA SER D 57 5.70 -22.55 5.23
C SER D 57 5.31 -21.38 4.37
N ILE D 58 6.05 -21.16 3.29
CA ILE D 58 5.72 -20.11 2.34
C ILE D 58 4.29 -20.35 1.92
N MET D 59 4.01 -21.59 1.55
CA MET D 59 2.70 -21.98 1.11
C MET D 59 1.63 -21.68 2.17
N ASN D 60 1.99 -21.90 3.43
CA ASN D 60 1.09 -21.70 4.53
C ASN D 60 0.81 -20.21 4.70
N SER D 61 1.87 -19.40 4.68
CA SER D 61 1.73 -17.94 4.75
C SER D 61 0.84 -17.41 3.64
N PHE D 62 0.75 -18.18 2.55
CA PHE D 62 -0.05 -17.79 1.41
C PHE D 62 -1.52 -17.94 1.77
N VAL D 63 -1.98 -19.18 1.92
CA VAL D 63 -3.39 -19.49 2.24
C VAL D 63 -3.93 -18.57 3.33
N ASN D 64 -3.08 -18.26 4.31
CA ASN D 64 -3.40 -17.29 5.34
C ASN D 64 -3.53 -15.88 4.74
N ASP D 65 -2.45 -15.38 4.13
CA ASP D 65 -2.46 -14.06 3.51
C ASP D 65 -3.73 -13.90 2.64
N VAL D 66 -3.96 -14.88 1.78
CA VAL D 66 -5.11 -14.85 0.88
C VAL D 66 -6.42 -14.74 1.67
N PHE D 67 -6.55 -15.53 2.73
CA PHE D 67 -7.72 -15.55 3.61
C PHE D 67 -8.00 -14.14 4.11
N GLU D 68 -7.03 -13.56 4.82
CA GLU D 68 -7.18 -12.26 5.43
C GLU D 68 -7.66 -11.26 4.39
N ARG D 69 -6.95 -11.26 3.26
CA ARG D 69 -7.23 -10.35 2.18
C ARG D 69 -8.71 -10.39 1.82
N ILE D 70 -9.21 -11.57 1.46
CA ILE D 70 -10.60 -11.75 1.02
C ILE D 70 -11.56 -11.49 2.17
N ALA D 71 -11.33 -12.15 3.29
CA ALA D 71 -12.20 -12.06 4.46
C ALA D 71 -12.56 -10.60 4.79
N GLY D 72 -11.53 -9.80 5.05
CA GLY D 72 -11.68 -8.37 5.31
C GLY D 72 -12.33 -7.58 4.18
N GLU D 73 -11.88 -7.79 2.94
CA GLU D 73 -12.47 -7.09 1.81
C GLU D 73 -13.99 -7.30 1.79
N ALA D 74 -14.40 -8.49 2.23
CA ALA D 74 -15.81 -8.88 2.36
C ALA D 74 -16.46 -8.38 3.66
N SER D 75 -15.65 -8.34 4.72
CA SER D 75 -16.06 -7.82 6.03
C SER D 75 -16.47 -6.37 5.86
N ARG D 76 -15.66 -5.65 5.08
CA ARG D 76 -15.82 -4.24 4.73
C ARG D 76 -17.10 -4.01 3.94
N LEU D 77 -17.41 -4.99 3.11
CA LEU D 77 -18.54 -4.94 2.21
C LEU D 77 -19.86 -4.84 2.99
N ALA D 78 -20.13 -5.84 3.82
CA ALA D 78 -21.31 -5.83 4.69
C ALA D 78 -21.48 -4.46 5.36
N HIS D 79 -20.41 -4.02 6.02
CA HIS D 79 -20.40 -2.69 6.63
C HIS D 79 -20.79 -1.61 5.62
N TYR D 80 -20.09 -1.53 4.48
CA TYR D 80 -20.40 -0.52 3.46
C TYR D 80 -21.87 -0.50 3.10
N ASN D 81 -22.45 -1.70 3.07
CA ASN D 81 -23.83 -1.90 2.67
C ASN D 81 -24.81 -2.00 3.83
N LYS D 82 -24.36 -1.55 5.01
CA LYS D 82 -25.15 -1.61 6.25
C LYS D 82 -25.71 -3.01 6.52
N ARG D 83 -25.08 -4.00 5.89
CA ARG D 83 -25.45 -5.38 6.04
C ARG D 83 -24.74 -5.88 7.29
N SER D 84 -25.42 -6.71 8.08
CA SER D 84 -24.93 -7.19 9.37
C SER D 84 -24.52 -8.68 9.35
N THR D 85 -24.60 -9.29 8.17
CA THR D 85 -24.27 -10.69 7.98
C THR D 85 -23.31 -10.85 6.81
N ILE D 86 -22.27 -11.67 7.02
CA ILE D 86 -21.35 -12.10 5.97
C ILE D 86 -21.96 -13.27 5.21
N THR D 87 -21.98 -13.15 3.88
CA THR D 87 -22.55 -14.17 3.00
C THR D 87 -21.59 -14.57 1.88
N SER D 88 -21.89 -15.71 1.26
CA SER D 88 -21.18 -16.22 0.09
C SER D 88 -21.13 -15.17 -1.01
N ARG D 89 -22.25 -14.43 -1.12
CA ARG D 89 -22.38 -13.31 -2.06
C ARG D 89 -21.31 -12.25 -1.79
N GLU D 90 -20.93 -12.08 -0.51
CA GLU D 90 -19.90 -11.12 -0.10
C GLU D 90 -18.53 -11.59 -0.57
N ILE D 91 -18.22 -12.85 -0.26
CA ILE D 91 -16.98 -13.50 -0.70
C ILE D 91 -16.79 -13.27 -2.19
N GLN D 92 -17.83 -13.54 -2.97
CA GLN D 92 -17.79 -13.35 -4.42
C GLN D 92 -17.20 -11.99 -4.78
N THR D 93 -17.91 -10.93 -4.44
CA THR D 93 -17.48 -9.60 -4.84
C THR D 93 -16.10 -9.25 -4.32
N ALA D 94 -15.72 -9.82 -3.19
CA ALA D 94 -14.38 -9.62 -2.65
C ALA D 94 -13.39 -10.27 -3.60
N VAL D 95 -13.72 -11.50 -4.00
CA VAL D 95 -12.89 -12.30 -4.89
C VAL D 95 -12.81 -11.57 -6.24
N ARG D 96 -13.96 -11.17 -6.77
CA ARG D 96 -14.05 -10.42 -8.02
C ARG D 96 -13.26 -9.10 -8.00
N LEU D 97 -13.01 -8.57 -6.80
CA LEU D 97 -12.24 -7.33 -6.63
C LEU D 97 -10.74 -7.61 -6.53
N LEU D 98 -10.39 -8.47 -5.57
CA LEU D 98 -8.99 -8.76 -5.21
C LEU D 98 -8.19 -9.52 -6.27
N LEU D 99 -8.86 -10.48 -6.91
CA LEU D 99 -8.21 -11.36 -7.86
C LEU D 99 -8.12 -10.85 -9.29
N PRO D 100 -6.90 -10.93 -9.86
CA PRO D 100 -6.58 -10.58 -11.24
C PRO D 100 -7.29 -11.48 -12.24
N GLY D 101 -7.80 -10.85 -13.30
CA GLY D 101 -8.45 -11.53 -14.42
C GLY D 101 -8.86 -13.00 -14.31
N GLU D 102 -8.33 -13.80 -15.23
CA GLU D 102 -8.73 -15.21 -15.43
C GLU D 102 -8.79 -15.96 -14.12
N LEU D 103 -7.87 -15.63 -13.22
CA LEU D 103 -7.77 -16.26 -11.91
C LEU D 103 -9.03 -16.06 -11.07
N ALA D 104 -9.57 -14.84 -11.11
CA ALA D 104 -10.84 -14.46 -10.48
C ALA D 104 -11.96 -15.33 -11.05
N LYS D 105 -12.11 -15.27 -12.38
CA LYS D 105 -13.06 -16.08 -13.10
C LYS D 105 -13.00 -17.56 -12.66
N HIS D 106 -11.80 -18.14 -12.71
CA HIS D 106 -11.61 -19.55 -12.35
C HIS D 106 -11.95 -19.84 -10.89
N ALA D 107 -11.53 -18.95 -10.00
CA ALA D 107 -11.84 -19.09 -8.58
C ALA D 107 -13.34 -18.94 -8.35
N VAL D 108 -13.90 -17.83 -8.81
CA VAL D 108 -15.33 -17.51 -8.62
C VAL D 108 -16.20 -18.72 -9.01
N SER D 109 -15.85 -19.34 -10.14
CA SER D 109 -16.52 -20.50 -10.67
C SER D 109 -16.56 -21.61 -9.64
N GLU D 110 -15.37 -22.09 -9.26
CA GLU D 110 -15.23 -23.16 -8.28
C GLU D 110 -15.92 -22.88 -6.95
N GLY D 111 -16.07 -21.60 -6.63
CA GLY D 111 -16.76 -21.19 -5.41
C GLY D 111 -18.23 -21.54 -5.48
N THR D 112 -18.90 -20.96 -6.48
CA THR D 112 -20.31 -21.20 -6.69
C THR D 112 -20.57 -22.69 -6.91
N LYS D 113 -19.56 -23.36 -7.44
CA LYS D 113 -19.56 -24.79 -7.75
C LYS D 113 -19.58 -25.67 -6.50
N ALA D 114 -18.71 -25.39 -5.52
CA ALA D 114 -18.68 -26.16 -4.27
C ALA D 114 -19.89 -25.81 -3.40
N VAL D 115 -20.28 -24.53 -3.43
CA VAL D 115 -21.42 -24.01 -2.69
C VAL D 115 -22.69 -24.69 -3.15
N THR D 116 -22.92 -24.65 -4.45
CA THR D 116 -24.14 -25.18 -5.03
C THR D 116 -24.20 -26.70 -4.81
N LYS D 117 -23.04 -27.32 -4.64
CA LYS D 117 -22.97 -28.73 -4.32
C LYS D 117 -23.38 -28.94 -2.86
N TYR D 118 -22.98 -28.01 -2.00
CA TYR D 118 -23.32 -28.08 -0.58
C TYR D 118 -24.81 -27.80 -0.35
N THR D 119 -25.40 -26.92 -1.18
CA THR D 119 -26.84 -26.60 -1.11
C THR D 119 -27.68 -27.84 -1.45
N SER D 120 -27.38 -28.45 -2.60
CA SER D 120 -28.02 -29.69 -3.05
C SER D 120 -27.70 -30.83 -2.08
N ALA D 121 -26.44 -31.30 -2.06
CA ALA D 121 -25.99 -32.32 -1.12
C ALA D 121 -25.85 -31.67 0.26
N LYS D 122 -26.97 -31.61 0.97
CA LYS D 122 -27.11 -30.92 2.24
C LYS D 122 -26.41 -31.67 3.38
N PRO E 38 49.92 -15.90 -20.07
CA PRO E 38 49.08 -15.40 -18.97
C PRO E 38 47.64 -15.06 -19.43
N HIS E 39 46.66 -15.67 -18.77
CA HIS E 39 45.23 -15.53 -19.13
C HIS E 39 44.48 -14.49 -18.28
N ARG E 40 43.84 -13.54 -18.96
CA ARG E 40 43.10 -12.45 -18.35
C ARG E 40 41.73 -12.25 -18.99
N TYR E 41 40.68 -12.25 -18.17
CA TYR E 41 39.31 -11.96 -18.62
C TYR E 41 39.18 -10.46 -18.90
N ARG E 42 38.37 -10.13 -19.91
CA ARG E 42 38.18 -8.75 -20.34
C ARG E 42 37.38 -7.97 -19.29
N PRO E 43 37.68 -6.66 -19.12
CA PRO E 43 36.92 -5.82 -18.18
C PRO E 43 35.42 -5.72 -18.50
N GLY E 44 34.61 -6.21 -17.56
CA GLY E 44 33.15 -6.23 -17.67
C GLY E 44 32.60 -7.45 -18.36
N THR E 45 33.25 -8.60 -18.17
CA THR E 45 32.85 -9.84 -18.84
C THR E 45 32.88 -11.04 -17.88
N VAL E 46 33.73 -10.98 -16.86
CA VAL E 46 33.64 -11.95 -15.77
C VAL E 46 32.63 -11.41 -14.76
N ALA E 47 32.21 -10.16 -15.00
CA ALA E 47 31.15 -9.48 -14.27
C ALA E 47 29.86 -10.26 -14.41
N LEU E 48 29.53 -10.54 -15.68
CA LEU E 48 28.32 -11.26 -16.05
C LEU E 48 28.25 -12.65 -15.45
N ARG E 49 29.39 -13.35 -15.38
CA ARG E 49 29.45 -14.67 -14.75
C ARG E 49 28.63 -14.68 -13.46
N GLU E 50 28.99 -13.76 -12.55
CA GLU E 50 28.33 -13.58 -11.26
C GLU E 50 26.83 -13.37 -11.42
N ILE E 51 26.45 -12.35 -12.20
CA ILE E 51 25.04 -12.04 -12.48
C ILE E 51 24.27 -13.34 -12.68
N ARG E 52 24.66 -14.07 -13.72
CA ARG E 52 24.05 -15.33 -14.08
C ARG E 52 24.13 -16.31 -12.89
N ARG E 53 25.28 -16.31 -12.20
CA ARG E 53 25.53 -17.19 -11.05
C ARG E 53 24.64 -16.88 -9.85
N TYR E 54 24.55 -15.59 -9.51
CA TYR E 54 23.81 -15.14 -8.31
C TYR E 54 22.29 -15.07 -8.54
N GLN E 55 21.89 -14.78 -9.77
CA GLN E 55 20.48 -14.67 -10.12
C GLN E 55 19.83 -16.05 -10.01
N LYS E 56 20.60 -17.10 -10.33
CA LYS E 56 20.19 -18.50 -10.23
C LYS E 56 20.08 -19.06 -8.81
N SER E 57 20.91 -18.58 -7.88
CA SER E 57 20.91 -19.08 -6.49
C SER E 57 19.92 -18.36 -5.59
N THR E 58 19.72 -18.91 -4.38
CA THR E 58 18.78 -18.33 -3.39
C THR E 58 19.36 -17.92 -2.01
N GLU E 59 20.59 -18.36 -1.72
CA GLU E 59 21.29 -18.01 -0.47
C GLU E 59 21.40 -16.50 -0.23
N LEU E 60 21.64 -16.13 1.03
CA LEU E 60 21.76 -14.71 1.41
C LEU E 60 23.17 -14.20 1.19
N LEU E 61 23.27 -13.02 0.61
CA LEU E 61 24.56 -12.48 0.17
C LEU E 61 25.26 -11.58 1.19
N ILE E 62 24.72 -11.51 2.40
CA ILE E 62 25.42 -10.85 3.47
C ILE E 62 25.75 -11.94 4.46
N ARG E 63 26.88 -11.78 5.15
CA ARG E 63 27.20 -12.74 6.19
C ARG E 63 26.30 -12.52 7.41
N LYS E 64 25.80 -13.63 7.93
CA LYS E 64 24.81 -13.64 9.00
C LYS E 64 25.22 -12.79 10.18
N LEU E 65 26.49 -12.94 10.56
CA LEU E 65 27.06 -12.32 11.75
C LEU E 65 27.21 -10.80 11.63
N PRO E 66 27.95 -10.29 10.61
CA PRO E 66 27.99 -8.83 10.47
C PRO E 66 26.59 -8.20 10.41
N PHE E 67 25.64 -8.93 9.81
CA PHE E 67 24.25 -8.52 9.80
C PHE E 67 23.74 -8.57 11.23
N GLN E 68 23.78 -9.76 11.83
CA GLN E 68 23.44 -9.95 13.25
C GLN E 68 23.72 -8.68 14.07
N ARG E 69 24.97 -8.22 14.05
CA ARG E 69 25.41 -7.03 14.82
C ARG E 69 24.63 -5.80 14.44
N LEU E 70 24.60 -5.49 13.15
CA LEU E 70 23.90 -4.31 12.66
C LEU E 70 22.46 -4.22 13.14
N VAL E 71 21.78 -5.37 13.22
CA VAL E 71 20.41 -5.45 13.72
C VAL E 71 20.38 -5.19 15.20
N ARG E 72 21.22 -5.91 15.96
CA ARG E 72 21.26 -5.76 17.41
C ARG E 72 21.61 -4.32 17.82
N GLU E 73 22.52 -3.69 17.07
CA GLU E 73 22.92 -2.30 17.26
C GLU E 73 21.75 -1.33 17.07
N ILE E 74 21.19 -1.33 15.87
CA ILE E 74 20.07 -0.46 15.49
C ILE E 74 18.89 -0.61 16.45
N ALA E 75 18.76 -1.79 17.03
CA ALA E 75 17.68 -2.07 17.95
C ALA E 75 18.07 -1.68 19.36
N GLN E 76 19.29 -1.98 19.79
CA GLN E 76 19.68 -1.61 21.14
C GLN E 76 19.83 -0.10 21.22
N ASP E 77 20.63 0.50 20.33
CA ASP E 77 20.74 1.97 20.21
C ASP E 77 19.42 2.47 19.57
N PHE E 78 18.33 2.06 20.26
CA PHE E 78 16.91 2.28 19.95
C PHE E 78 16.01 1.79 21.10
N LYS E 79 16.33 0.63 21.67
CA LYS E 79 15.65 0.10 22.87
C LYS E 79 16.58 -0.93 23.54
N THR E 80 17.07 -0.54 24.71
CA THR E 80 18.17 -1.20 25.42
C THR E 80 17.87 -2.61 25.96
N ASP E 81 18.93 -3.43 25.97
CA ASP E 81 18.90 -4.82 26.46
C ASP E 81 17.66 -5.61 26.00
N LEU E 82 17.74 -6.07 24.76
CA LEU E 82 16.70 -6.82 24.05
C LEU E 82 17.21 -8.16 23.56
N ARG E 83 16.30 -9.00 23.05
CA ARG E 83 16.68 -10.30 22.52
C ARG E 83 15.95 -10.60 21.20
N PHE E 84 16.64 -11.30 20.31
CA PHE E 84 16.08 -11.68 19.00
C PHE E 84 16.08 -13.17 18.76
N GLN E 85 14.89 -13.75 18.58
CA GLN E 85 14.75 -15.14 18.15
C GLN E 85 15.53 -15.32 16.85
N SER E 86 16.25 -16.43 16.73
CA SER E 86 17.14 -16.64 15.57
C SER E 86 16.45 -16.19 14.28
N SER E 87 15.29 -16.81 14.02
CA SER E 87 14.39 -16.55 12.89
C SER E 87 14.09 -15.07 12.63
N ALA E 88 13.63 -14.36 13.67
CA ALA E 88 13.35 -12.92 13.63
C ALA E 88 14.52 -12.13 13.06
N VAL E 89 15.72 -12.66 13.25
CA VAL E 89 16.94 -12.06 12.70
C VAL E 89 17.04 -12.34 11.20
N MET E 90 16.86 -13.61 10.83
CA MET E 90 16.97 -14.05 9.45
C MET E 90 15.85 -13.43 8.63
N ALA E 91 14.63 -13.51 9.17
CA ALA E 91 13.39 -12.92 8.60
C ALA E 91 13.58 -11.47 8.17
N LEU E 92 14.33 -10.75 9.00
CA LEU E 92 14.76 -9.42 8.72
C LEU E 92 15.75 -9.42 7.55
N GLN E 93 16.77 -10.27 7.60
CA GLN E 93 17.79 -10.31 6.55
C GLN E 93 17.22 -10.67 5.18
N GLU E 94 16.43 -11.74 5.15
CA GLU E 94 15.77 -12.15 3.93
C GLU E 94 15.18 -10.91 3.31
N ALA E 95 14.30 -10.27 4.09
CA ALA E 95 13.58 -9.06 3.72
C ALA E 95 14.50 -7.94 3.25
N SER E 96 15.53 -7.65 4.04
CA SER E 96 16.48 -6.57 3.77
C SER E 96 17.18 -6.78 2.46
N GLU E 97 17.68 -8.01 2.27
CA GLU E 97 18.38 -8.39 1.05
C GLU E 97 17.45 -8.21 -0.12
N ALA E 98 16.33 -8.94 -0.08
CA ALA E 98 15.30 -8.92 -1.11
C ALA E 98 15.00 -7.50 -1.55
N TYR E 99 14.79 -6.62 -0.57
CA TYR E 99 14.52 -5.20 -0.80
C TYR E 99 15.56 -4.55 -1.69
N LEU E 100 16.83 -4.70 -1.28
CA LEU E 100 17.94 -4.07 -1.97
C LEU E 100 18.13 -4.61 -3.38
N VAL E 101 18.10 -5.94 -3.53
CA VAL E 101 18.19 -6.56 -4.85
C VAL E 101 17.10 -5.91 -5.69
N ALA E 102 15.86 -5.94 -5.17
CA ALA E 102 14.69 -5.32 -5.80
C ALA E 102 14.91 -3.85 -6.12
N LEU E 103 15.57 -3.13 -5.22
CA LEU E 103 15.94 -1.74 -5.46
C LEU E 103 16.96 -1.61 -6.59
N PHE E 104 17.99 -2.45 -6.55
CA PHE E 104 19.01 -2.46 -7.58
C PHE E 104 18.45 -2.63 -8.97
N GLU E 105 17.48 -3.54 -9.11
CA GLU E 105 16.77 -3.72 -10.37
C GLU E 105 16.32 -2.35 -10.87
N ASP E 106 15.51 -1.68 -10.05
CA ASP E 106 14.96 -0.38 -10.34
C ASP E 106 16.08 0.61 -10.64
N THR E 107 17.15 0.55 -9.84
CA THR E 107 18.32 1.41 -10.01
C THR E 107 18.96 1.18 -11.38
N ASN E 108 19.08 -0.09 -11.75
CA ASN E 108 19.75 -0.46 -12.99
C ASN E 108 19.06 0.23 -14.15
N LEU E 109 17.73 0.16 -14.17
CA LEU E 109 16.95 0.76 -15.24
C LEU E 109 17.14 2.28 -15.32
N CYS E 110 17.43 2.90 -14.17
CA CYS E 110 17.68 4.34 -14.11
C CYS E 110 19.04 4.72 -14.73
N ALA E 111 20.00 3.78 -14.72
CA ALA E 111 21.29 3.97 -15.40
C ALA E 111 21.06 3.81 -16.91
N ILE E 112 20.53 2.64 -17.27
CA ILE E 112 20.18 2.27 -18.63
C ILE E 112 19.31 3.34 -19.31
N HIS E 113 18.48 4.04 -18.52
CA HIS E 113 17.67 5.11 -19.07
C HIS E 113 18.52 6.30 -19.50
N ALA E 114 19.47 6.68 -18.65
CA ALA E 114 20.35 7.80 -18.92
C ALA E 114 21.53 7.39 -19.80
N LYS E 115 21.26 6.55 -20.81
CA LYS E 115 22.26 6.03 -21.78
C LYS E 115 23.44 5.30 -21.13
N ARG E 116 23.67 5.61 -19.85
CA ARG E 116 24.75 5.10 -19.01
C ARG E 116 24.61 3.59 -18.77
N VAL E 117 25.60 3.01 -18.08
CA VAL E 117 25.64 1.57 -17.77
C VAL E 117 26.22 1.33 -16.35
N THR E 118 26.44 2.42 -15.63
CA THR E 118 27.03 2.37 -14.28
C THR E 118 26.05 2.91 -13.24
N ILE E 119 25.79 2.11 -12.20
CA ILE E 119 24.98 2.57 -11.07
C ILE E 119 25.76 3.60 -10.22
N MET E 120 25.10 4.73 -9.97
CA MET E 120 25.64 5.81 -9.14
C MET E 120 24.52 6.43 -8.30
N PRO E 121 24.86 6.99 -7.13
CA PRO E 121 23.87 7.57 -6.22
C PRO E 121 22.71 8.29 -6.92
N LYS E 122 23.03 9.07 -7.96
CA LYS E 122 22.05 9.81 -8.77
C LYS E 122 20.85 8.97 -9.20
N ASP E 123 21.12 7.70 -9.50
CA ASP E 123 20.12 6.73 -9.93
C ASP E 123 19.24 6.26 -8.77
N ILE E 124 19.87 5.83 -7.68
CA ILE E 124 19.14 5.38 -6.47
C ILE E 124 18.20 6.48 -5.96
N GLN E 125 18.72 7.71 -5.91
CA GLN E 125 17.97 8.91 -5.54
C GLN E 125 16.66 8.96 -6.31
N LEU E 126 16.77 8.82 -7.62
CA LEU E 126 15.62 8.78 -8.51
C LEU E 126 14.77 7.58 -8.20
N ALA E 127 15.43 6.42 -8.13
CA ALA E 127 14.78 5.14 -7.88
C ALA E 127 13.86 5.25 -6.69
N ARG E 128 14.42 5.66 -5.54
CA ARG E 128 13.65 5.88 -4.32
C ARG E 128 12.61 7.00 -4.49
N ARG E 129 13.01 8.09 -5.17
CA ARG E 129 12.19 9.29 -5.31
C ARG E 129 10.80 8.99 -5.84
N ILE E 130 10.75 8.20 -6.91
CA ILE E 130 9.47 7.87 -7.53
C ILE E 130 8.74 6.83 -6.69
N ARG E 131 9.51 5.87 -6.17
CA ARG E 131 9.01 4.82 -5.26
C ARG E 131 8.26 5.40 -4.08
N GLY E 132 8.65 6.62 -3.67
CA GLY E 132 8.00 7.35 -2.60
C GLY E 132 8.57 6.94 -1.26
N GLU E 133 9.58 7.69 -0.84
CA GLU E 133 10.26 7.52 0.45
C GLU E 133 11.25 8.66 0.60
N ARG E 134 11.50 9.36 -0.49
CA ARG E 134 12.46 10.44 -0.58
C ARG E 134 11.85 11.66 -1.28
N ALA E 135 10.65 11.47 -1.83
CA ALA E 135 9.92 12.50 -2.59
C ALA E 135 9.54 13.72 -1.75
N HIS F 18 29.66 -8.89 31.63
CA HIS F 18 29.06 -9.03 30.27
C HIS F 18 29.15 -7.76 29.44
N ARG F 19 28.42 -7.77 28.30
CA ARG F 19 28.25 -6.64 27.36
C ARG F 19 29.52 -6.10 26.69
N LYS F 20 29.36 -5.79 25.41
CA LYS F 20 30.35 -5.04 24.65
C LYS F 20 29.54 -4.05 23.82
N VAL F 21 30.20 -3.04 23.29
CA VAL F 21 29.50 -1.99 22.56
C VAL F 21 29.61 -2.13 21.04
N LEU F 22 28.82 -1.33 20.33
CA LEU F 22 28.63 -1.51 18.88
C LEU F 22 29.00 -0.28 18.05
N ARG F 23 29.94 -0.47 17.12
CA ARG F 23 30.59 0.63 16.38
C ARG F 23 30.84 0.35 14.89
N ASP F 24 30.03 1.03 14.05
CA ASP F 24 30.07 0.87 12.59
C ASP F 24 29.79 -0.58 12.13
N ASN F 25 28.79 -1.22 12.73
CA ASN F 25 28.35 -2.53 12.26
C ASN F 25 27.70 -2.34 10.90
N ILE F 26 27.33 -1.10 10.64
CA ILE F 26 26.84 -0.68 9.35
C ILE F 26 27.97 -0.77 8.33
N GLN F 27 29.21 -0.59 8.78
CA GLN F 27 30.39 -0.80 7.91
C GLN F 27 30.74 -2.27 7.85
N GLY F 28 30.10 -3.07 8.71
CA GLY F 28 30.22 -4.53 8.71
C GLY F 28 29.52 -5.21 7.54
N ILE F 29 28.65 -4.44 6.88
CA ILE F 29 28.03 -4.84 5.62
C ILE F 29 29.11 -4.57 4.58
N THR F 30 29.87 -5.64 4.34
CA THR F 30 31.07 -5.62 3.49
C THR F 30 30.77 -5.14 2.08
N LYS F 31 31.71 -4.37 1.52
CA LYS F 31 31.61 -3.88 0.14
C LYS F 31 31.38 -5.01 -0.88
N PRO F 32 32.06 -6.17 -0.74
CA PRO F 32 31.72 -7.30 -1.61
C PRO F 32 30.27 -7.78 -1.44
N ALA F 33 29.84 -8.06 -0.21
CA ALA F 33 28.44 -8.44 0.11
C ALA F 33 27.45 -7.50 -0.55
N ILE F 34 27.79 -6.21 -0.59
CA ILE F 34 27.00 -5.19 -1.28
C ILE F 34 26.98 -5.49 -2.76
N ARG F 35 28.14 -5.65 -3.39
CA ARG F 35 28.14 -5.89 -4.85
C ARG F 35 27.50 -7.23 -5.25
N ARG F 36 27.62 -8.26 -4.40
CA ARG F 36 26.98 -9.58 -4.63
C ARG F 36 25.48 -9.36 -4.76
N LEU F 37 24.90 -8.64 -3.79
CA LEU F 37 23.49 -8.26 -3.83
C LEU F 37 23.17 -7.46 -5.07
N ALA F 38 24.07 -6.55 -5.45
CA ALA F 38 23.91 -5.72 -6.64
C ALA F 38 23.87 -6.55 -7.92
N ARG F 39 24.83 -7.49 -8.05
CA ARG F 39 24.90 -8.39 -9.21
C ARG F 39 23.59 -9.15 -9.47
N ARG F 40 23.01 -9.67 -8.39
CA ARG F 40 21.71 -10.34 -8.40
C ARG F 40 20.57 -9.44 -8.96
N GLY F 41 20.80 -8.13 -8.97
CA GLY F 41 19.84 -7.19 -9.54
C GLY F 41 20.00 -7.03 -11.05
N GLY F 42 21.10 -7.59 -11.57
CA GLY F 42 21.47 -7.51 -12.98
C GLY F 42 22.39 -6.34 -13.23
N VAL F 43 23.38 -6.18 -12.33
CA VAL F 43 24.23 -4.99 -12.30
C VAL F 43 25.63 -5.23 -12.84
N LYS F 44 25.99 -4.42 -13.84
CA LYS F 44 27.26 -4.50 -14.56
C LYS F 44 28.37 -3.59 -13.96
N ARG F 45 28.07 -2.28 -13.84
CA ARG F 45 29.05 -1.32 -13.29
C ARG F 45 28.57 -0.63 -12.01
N ILE F 46 29.44 -0.63 -11.00
CA ILE F 46 29.16 -0.15 -9.66
C ILE F 46 30.16 0.91 -9.21
N SER F 47 29.66 2.10 -8.87
CA SER F 47 30.51 3.19 -8.36
C SER F 47 30.96 2.97 -6.90
N GLY F 48 32.02 3.67 -6.51
CA GLY F 48 32.56 3.63 -5.14
C GLY F 48 31.66 4.35 -4.16
N LEU F 49 30.96 5.37 -4.66
CA LEU F 49 30.03 6.18 -3.87
C LEU F 49 28.79 5.38 -3.44
N ILE F 50 28.40 4.42 -4.29
CA ILE F 50 27.25 3.52 -4.07
C ILE F 50 27.26 2.88 -2.68
N TYR F 51 28.35 2.18 -2.38
CA TYR F 51 28.47 1.38 -1.18
C TYR F 51 28.07 2.12 0.08
N GLU F 52 28.36 3.42 0.13
CA GLU F 52 27.92 4.24 1.25
C GLU F 52 26.41 4.48 1.16
N GLU F 53 25.98 5.06 0.03
CA GLU F 53 24.57 5.35 -0.20
C GLU F 53 23.69 4.18 0.22
N THR F 54 24.02 3.00 -0.32
CA THR F 54 23.40 1.71 0.02
C THR F 54 23.25 1.60 1.52
N ARG F 55 24.37 1.55 2.21
CA ARG F 55 24.41 1.37 3.65
C ARG F 55 23.40 2.30 4.27
N GLY F 56 23.36 3.53 3.77
CA GLY F 56 22.44 4.55 4.24
C GLY F 56 21.04 4.00 4.15
N VAL F 57 20.63 3.70 2.92
CA VAL F 57 19.29 3.18 2.61
C VAL F 57 18.91 2.00 3.49
N LEU F 58 19.82 1.04 3.57
CA LEU F 58 19.65 -0.14 4.40
C LEU F 58 19.30 0.27 5.83
N LYS F 59 20.14 1.15 6.40
CA LYS F 59 19.96 1.65 7.76
C LYS F 59 18.54 2.16 7.88
N VAL F 60 18.20 3.13 7.02
CA VAL F 60 16.84 3.69 6.94
C VAL F 60 15.78 2.58 6.93
N PHE F 61 15.94 1.64 6.00
CA PHE F 61 15.03 0.50 5.88
C PHE F 61 14.90 -0.14 7.25
N LEU F 62 16.00 -0.73 7.71
CA LEU F 62 16.06 -1.40 9.00
C LEU F 62 15.43 -0.59 10.13
N GLU F 63 15.90 0.64 10.32
CA GLU F 63 15.36 1.56 11.31
C GLU F 63 13.84 1.48 11.31
N ASN F 64 13.24 1.84 10.17
CA ASN F 64 11.79 1.91 9.95
C ASN F 64 11.05 0.63 10.32
N VAL F 65 11.60 -0.50 9.88
CA VAL F 65 11.09 -1.84 10.16
C VAL F 65 11.17 -2.14 11.66
N ILE F 66 12.41 -2.21 12.15
CA ILE F 66 12.71 -2.52 13.54
C ILE F 66 11.86 -1.65 14.46
N ARG F 67 11.79 -0.35 14.17
CA ARG F 67 10.96 0.58 14.94
C ARG F 67 9.58 0.02 15.18
N ASP F 68 8.90 -0.31 14.08
CA ASP F 68 7.54 -0.81 14.12
C ASP F 68 7.54 -2.19 14.75
N ALA F 69 8.58 -2.97 14.43
CA ALA F 69 8.75 -4.34 14.88
C ALA F 69 8.76 -4.42 16.38
N VAL F 70 9.57 -3.57 16.99
CA VAL F 70 9.71 -3.48 18.43
C VAL F 70 8.41 -2.97 19.05
N THR F 71 7.77 -1.98 18.42
CA THR F 71 6.51 -1.41 18.89
C THR F 71 5.49 -2.52 19.24
N TYR F 72 5.55 -3.59 18.47
CA TYR F 72 4.78 -4.79 18.73
C TYR F 72 5.34 -5.55 19.95
N THR F 73 6.64 -5.85 19.96
CA THR F 73 7.28 -6.57 21.05
C THR F 73 6.96 -5.86 22.36
N GLU F 74 7.13 -4.55 22.34
CA GLU F 74 6.83 -3.69 23.47
C GLU F 74 5.39 -3.92 23.90
N HIS F 75 4.45 -3.86 22.94
CA HIS F 75 3.03 -3.99 23.24
C HIS F 75 2.66 -5.33 23.86
N ALA F 76 3.33 -6.39 23.40
CA ALA F 76 3.05 -7.74 23.86
C ALA F 76 3.43 -7.92 25.32
N LYS F 77 4.04 -6.89 25.88
CA LYS F 77 4.62 -6.89 27.24
C LYS F 77 5.76 -7.91 27.28
N ARG F 78 6.40 -8.10 26.12
CA ARG F 78 7.48 -9.07 25.96
C ARG F 78 8.80 -8.36 25.79
N LYS F 79 9.88 -9.03 26.20
CA LYS F 79 11.26 -8.50 26.11
C LYS F 79 12.06 -9.17 24.97
N THR F 80 11.45 -10.18 24.35
CA THR F 80 12.06 -10.91 23.24
C THR F 80 11.31 -10.62 21.94
N VAL F 81 12.07 -10.22 20.93
CA VAL F 81 11.54 -9.91 19.59
C VAL F 81 11.32 -11.20 18.80
N THR F 82 10.05 -11.49 18.54
CA THR F 82 9.66 -12.71 17.86
C THR F 82 9.66 -12.49 16.34
N ALA F 83 9.67 -13.59 15.58
CA ALA F 83 9.55 -13.55 14.13
C ALA F 83 8.25 -12.87 13.72
N MET F 84 7.15 -13.21 14.41
CA MET F 84 5.81 -12.62 14.18
C MET F 84 5.85 -11.08 14.24
N ASP F 85 6.45 -10.56 15.30
CA ASP F 85 6.65 -9.13 15.46
C ASP F 85 7.30 -8.59 14.22
N VAL F 86 8.38 -9.23 13.79
CA VAL F 86 9.14 -8.79 12.60
C VAL F 86 8.23 -8.80 11.38
N VAL F 87 7.43 -9.84 11.24
CA VAL F 87 6.56 -9.98 10.07
C VAL F 87 5.37 -9.02 10.11
N TYR F 88 4.67 -8.92 11.25
CA TYR F 88 3.53 -8.00 11.35
C TYR F 88 3.95 -6.58 11.00
N ALA F 89 5.24 -6.30 11.24
CA ALA F 89 5.89 -5.02 10.94
C ALA F 89 6.10 -4.88 9.45
N LEU F 90 6.67 -5.92 8.84
CA LEU F 90 6.87 -5.93 7.41
C LEU F 90 5.53 -5.83 6.63
N LYS F 91 4.49 -6.52 7.11
CA LYS F 91 3.13 -6.43 6.57
C LYS F 91 2.66 -4.98 6.57
N ARG F 92 2.71 -4.35 7.75
CA ARG F 92 2.42 -2.93 7.91
C ARG F 92 3.14 -2.08 6.87
N GLN F 93 4.43 -2.35 6.70
CA GLN F 93 5.29 -1.67 5.72
C GLN F 93 4.89 -1.91 4.26
N GLY F 94 4.13 -2.98 4.03
CA GLY F 94 3.71 -3.34 2.70
C GLY F 94 4.87 -4.08 2.08
N ARG F 95 5.37 -5.07 2.82
CA ARG F 95 6.47 -5.94 2.39
C ARG F 95 6.15 -7.39 2.73
N THR F 96 4.85 -7.69 2.87
CA THR F 96 4.28 -9.01 3.20
C THR F 96 5.29 -10.15 3.07
N LEU F 97 5.63 -10.78 4.19
CA LEU F 97 6.64 -11.83 4.15
C LEU F 97 6.06 -13.22 4.35
N TYR F 98 6.62 -14.14 3.58
CA TYR F 98 6.19 -15.52 3.57
C TYR F 98 7.32 -16.43 4.06
N GLY F 99 7.01 -17.30 5.00
CA GLY F 99 7.97 -18.33 5.43
C GLY F 99 8.42 -18.29 6.87
N PHE F 100 7.75 -17.50 7.70
CA PHE F 100 8.08 -17.39 9.12
C PHE F 100 6.83 -17.45 10.02
N GLY F 101 5.76 -18.06 9.50
CA GLY F 101 4.49 -18.17 10.19
C GLY F 101 3.65 -16.94 9.86
N ALA G 14 -26.56 15.46 34.51
CA ALA G 14 -25.69 14.66 33.58
C ALA G 14 -24.59 15.51 32.96
N LYS G 15 -23.43 14.88 32.74
CA LYS G 15 -22.27 15.53 32.14
C LYS G 15 -21.80 14.74 30.91
N THR G 16 -21.55 15.45 29.81
CA THR G 16 -21.04 14.85 28.58
C THR G 16 -19.66 14.24 28.84
N ARG G 17 -19.48 12.99 28.41
CA ARG G 17 -18.21 12.27 28.58
C ARG G 17 -17.02 13.02 27.97
N SER G 18 -17.30 13.86 26.96
CA SER G 18 -16.29 14.69 26.28
C SER G 18 -15.74 15.77 27.21
N SER G 19 -16.66 16.43 27.93
CA SER G 19 -16.29 17.43 28.92
C SER G 19 -15.60 16.79 30.13
N ARG G 20 -15.84 15.49 30.34
CA ARG G 20 -15.15 14.72 31.39
C ARG G 20 -13.67 14.42 31.05
N ALA G 21 -13.30 14.81 29.82
CA ALA G 21 -11.93 14.75 29.33
C ALA G 21 -11.50 16.10 28.75
N GLY G 22 -12.39 17.09 28.82
CA GLY G 22 -12.12 18.45 28.34
C GLY G 22 -11.92 18.50 26.85
N LEU G 23 -12.74 17.73 26.14
CA LEU G 23 -12.65 17.57 24.70
C LEU G 23 -13.86 18.14 23.99
N GLN G 24 -13.65 18.60 22.77
CA GLN G 24 -14.74 19.09 21.92
C GLN G 24 -15.34 17.95 21.07
N PHE G 25 -14.55 16.90 20.87
CA PHE G 25 -14.91 15.73 20.07
C PHE G 25 -15.80 14.74 20.83
N PRO G 26 -16.74 14.09 20.10
CA PRO G 26 -17.76 13.25 20.75
C PRO G 26 -17.24 11.90 21.27
N VAL G 27 -16.90 11.85 22.55
CA VAL G 27 -16.39 10.63 23.20
C VAL G 27 -17.40 9.47 23.19
N GLY G 28 -18.69 9.80 23.29
CA GLY G 28 -19.74 8.80 23.25
C GLY G 28 -19.90 8.22 21.86
N ARG G 29 -19.85 9.09 20.85
CA ARG G 29 -20.00 8.74 19.44
C ARG G 29 -18.96 7.70 19.05
N VAL G 30 -17.70 8.00 19.38
CA VAL G 30 -16.55 7.12 19.13
C VAL G 30 -16.76 5.76 19.80
N HIS G 31 -17.25 5.77 21.03
CA HIS G 31 -17.56 4.54 21.77
C HIS G 31 -18.55 3.66 21.01
N ARG G 32 -19.56 4.30 20.42
CA ARG G 32 -20.55 3.60 19.60
C ARG G 32 -19.94 3.17 18.28
N LEU G 33 -19.17 4.06 17.66
CA LEU G 33 -18.52 3.83 16.36
C LEU G 33 -17.50 2.70 16.32
N LEU G 34 -16.96 2.37 17.49
CA LEU G 34 -16.01 1.26 17.62
C LEU G 34 -16.73 -0.07 17.83
N ARG G 35 -18.00 0.01 18.24
CA ARG G 35 -18.88 -1.17 18.35
C ARG G 35 -19.45 -1.48 16.95
N LYS G 36 -20.00 -0.43 16.32
CA LYS G 36 -20.57 -0.50 14.97
C LYS G 36 -19.52 -0.56 13.87
N GLY G 37 -18.45 -1.31 14.12
CA GLY G 37 -17.38 -1.48 13.15
C GLY G 37 -16.75 -2.86 13.20
N ASN G 38 -17.23 -3.67 14.15
CA ASN G 38 -16.73 -5.03 14.43
C ASN G 38 -15.22 -5.04 14.62
N TYR G 39 -14.70 -4.02 15.31
CA TYR G 39 -13.25 -3.89 15.54
C TYR G 39 -12.75 -4.94 16.54
N ALA G 40 -13.50 -5.12 17.63
CA ALA G 40 -13.22 -6.23 18.55
C ALA G 40 -14.50 -6.67 19.24
N GLU G 41 -14.44 -7.88 19.81
CA GLU G 41 -15.51 -8.42 20.63
C GLU G 41 -15.90 -7.45 21.73
N ARG G 42 -14.90 -6.77 22.28
CA ARG G 42 -15.08 -5.91 23.43
C ARG G 42 -14.26 -4.62 23.34
N VAL G 43 -14.96 -3.49 23.33
CA VAL G 43 -14.33 -2.18 23.29
C VAL G 43 -14.04 -1.74 24.73
N GLY G 44 -12.97 -0.98 24.94
CA GLY G 44 -12.64 -0.45 26.26
C GLY G 44 -13.51 0.73 26.66
N ALA G 45 -13.23 1.28 27.84
CA ALA G 45 -13.94 2.45 28.35
C ALA G 45 -13.13 3.72 28.14
N GLY G 46 -11.79 3.58 28.20
CA GLY G 46 -10.88 4.71 28.03
C GLY G 46 -10.40 4.90 26.61
N ALA G 47 -10.51 3.83 25.82
CA ALA G 47 -10.11 3.84 24.42
C ALA G 47 -10.92 4.82 23.56
N PRO G 48 -12.28 4.84 23.70
CA PRO G 48 -13.05 5.84 22.92
C PRO G 48 -12.69 7.27 23.28
N VAL G 49 -12.16 7.44 24.50
CA VAL G 49 -11.75 8.72 25.05
C VAL G 49 -10.41 9.11 24.44
N TYR G 50 -9.44 8.20 24.61
CA TYR G 50 -8.09 8.35 24.08
C TYR G 50 -8.13 8.75 22.61
N LEU G 51 -8.79 7.91 21.81
CA LEU G 51 -8.89 8.09 20.38
C LEU G 51 -9.58 9.40 20.00
N ALA G 52 -10.71 9.71 20.64
CA ALA G 52 -11.46 10.95 20.40
C ALA G 52 -10.57 12.18 20.52
N ALA G 53 -9.57 12.07 21.39
CA ALA G 53 -8.59 13.14 21.64
C ALA G 53 -7.53 13.20 20.56
N VAL G 54 -7.01 12.03 20.16
CA VAL G 54 -6.03 11.92 19.09
C VAL G 54 -6.58 12.63 17.88
N LEU G 55 -7.81 12.26 17.54
CA LEU G 55 -8.54 12.86 16.45
C LEU G 55 -8.66 14.36 16.68
N GLU G 56 -9.14 14.76 17.86
CA GLU G 56 -9.25 16.17 18.20
C GLU G 56 -7.93 16.88 17.89
N TYR G 57 -6.84 16.36 18.46
CA TYR G 57 -5.51 16.95 18.28
C TYR G 57 -5.15 17.16 16.81
N LEU G 58 -5.29 16.09 16.03
CA LEU G 58 -4.91 16.09 14.64
C LEU G 58 -5.75 17.05 13.83
N THR G 59 -7.05 17.09 14.12
CA THR G 59 -7.98 18.02 13.50
C THR G 59 -7.46 19.43 13.70
N ALA G 60 -7.31 19.80 14.97
CA ALA G 60 -6.84 21.09 15.37
C ALA G 60 -5.45 21.39 14.79
N GLU G 61 -4.58 20.39 14.79
CA GLU G 61 -3.24 20.51 14.24
C GLU G 61 -3.26 20.98 12.78
N ILE G 62 -4.12 20.37 11.96
CA ILE G 62 -4.27 20.77 10.56
C ILE G 62 -4.87 22.17 10.50
N LEU G 63 -6.06 22.31 11.06
CA LEU G 63 -6.79 23.58 11.12
C LEU G 63 -5.84 24.74 11.46
N GLU G 64 -4.92 24.48 12.38
CA GLU G 64 -3.88 25.43 12.77
C GLU G 64 -3.10 25.90 11.55
N LEU G 65 -2.53 24.93 10.83
CA LEU G 65 -1.71 25.20 9.67
C LEU G 65 -2.54 25.69 8.49
N ALA G 66 -3.82 25.31 8.49
CA ALA G 66 -4.79 25.69 7.48
C ALA G 66 -5.15 27.17 7.60
N GLY G 67 -5.44 27.59 8.83
CA GLY G 67 -5.78 28.99 9.13
C GLY G 67 -4.76 29.96 8.59
N ASN G 68 -3.50 29.75 8.98
CA ASN G 68 -2.36 30.55 8.52
C ASN G 68 -2.23 30.56 7.00
N ALA G 69 -2.46 29.40 6.39
CA ALA G 69 -2.41 29.27 4.94
C ALA G 69 -3.49 30.17 4.34
N ALA G 70 -4.70 30.08 4.90
CA ALA G 70 -5.85 30.89 4.48
C ALA G 70 -5.62 32.39 4.70
N ARG G 71 -4.78 32.69 5.69
CA ARG G 71 -4.42 34.07 6.03
C ARG G 71 -3.34 34.63 5.10
N ASP G 72 -2.33 33.82 4.79
CA ASP G 72 -1.26 34.19 3.83
C ASP G 72 -1.82 34.52 2.44
N ASN G 73 -2.91 33.85 2.06
CA ASN G 73 -3.59 34.04 0.79
C ASN G 73 -4.76 35.04 0.87
N LYS G 74 -4.85 35.72 2.01
CA LYS G 74 -5.75 36.86 2.25
C LYS G 74 -7.26 36.51 2.25
N LYS G 75 -7.63 35.49 3.01
CA LYS G 75 -9.03 35.07 3.11
C LYS G 75 -9.47 34.67 4.54
N THR G 76 -10.80 34.66 4.73
CA THR G 76 -11.43 34.28 6.00
C THR G 76 -11.67 32.78 6.07
N ARG G 77 -12.43 32.26 5.10
CA ARG G 77 -12.82 30.84 5.10
C ARG G 77 -11.73 29.96 4.52
N ILE G 78 -11.40 28.90 5.26
CA ILE G 78 -10.44 27.91 4.82
C ILE G 78 -11.07 27.06 3.73
N ILE G 79 -10.48 27.12 2.54
CA ILE G 79 -10.94 26.31 1.40
C ILE G 79 -9.97 25.15 1.16
N PRO G 80 -10.37 24.16 0.33
CA PRO G 80 -9.53 23.00 0.01
C PRO G 80 -8.05 23.33 -0.20
N ARG G 81 -7.74 24.26 -1.12
CA ARG G 81 -6.36 24.63 -1.44
C ARG G 81 -5.52 24.90 -0.21
N HIS G 82 -6.13 25.60 0.76
CA HIS G 82 -5.46 25.91 2.02
C HIS G 82 -5.07 24.65 2.77
N LEU G 83 -5.97 23.67 2.77
CA LEU G 83 -5.70 22.37 3.40
C LEU G 83 -4.54 21.64 2.73
N GLN G 84 -4.48 21.71 1.40
CA GLN G 84 -3.38 21.13 0.63
C GLN G 84 -2.08 21.92 0.84
N LEU G 85 -2.17 23.25 0.69
CA LEU G 85 -1.02 24.11 0.94
C LEU G 85 -0.45 23.87 2.32
N ALA G 86 -1.33 23.51 3.27
CA ALA G 86 -0.92 23.16 4.64
C ALA G 86 -0.18 21.83 4.65
N VAL G 87 -0.94 20.77 4.37
CA VAL G 87 -0.47 19.38 4.39
C VAL G 87 0.83 19.14 3.61
N ARG G 88 0.84 19.55 2.34
CA ARG G 88 2.00 19.32 1.46
C ARG G 88 3.22 20.17 1.82
N ASN G 89 3.00 21.40 2.33
CA ASN G 89 4.12 22.24 2.78
C ASN G 89 4.69 21.77 4.11
N ASP G 90 3.81 21.23 4.97
CA ASP G 90 4.20 20.60 6.22
C ASP G 90 4.93 19.31 5.92
N GLU G 91 5.91 19.00 6.76
CA GLU G 91 6.70 17.78 6.66
C GLU G 91 5.90 16.49 7.00
N GLU G 92 5.49 16.38 8.26
CA GLU G 92 4.87 15.17 8.80
C GLU G 92 3.49 14.81 8.23
N LEU G 93 2.53 15.76 8.24
CA LEU G 93 1.21 15.52 7.63
C LEU G 93 1.32 14.92 6.23
N ASN G 94 2.15 15.57 5.41
CA ASN G 94 2.48 15.13 4.05
C ASN G 94 2.90 13.66 3.98
N LYS G 95 3.67 13.22 4.97
CA LYS G 95 4.05 11.82 5.07
C LYS G 95 2.83 11.00 5.49
N LEU G 96 2.09 11.46 6.49
CA LEU G 96 0.91 10.76 6.97
C LEU G 96 -0.11 10.63 5.86
N LEU G 97 -0.40 11.74 5.20
CA LEU G 97 -1.32 11.72 4.07
C LEU G 97 -0.52 11.54 2.80
N GLY G 98 0.14 10.39 2.67
CA GLY G 98 0.99 10.11 1.53
C GLY G 98 0.19 9.60 0.34
N ARG G 99 -0.61 8.55 0.57
CA ARG G 99 -1.39 7.92 -0.49
C ARG G 99 -2.74 8.62 -0.72
N VAL G 100 -2.93 9.75 -0.01
CA VAL G 100 -4.16 10.53 0.02
C VAL G 100 -4.17 11.70 -0.96
N THR G 101 -5.28 11.87 -1.67
CA THR G 101 -5.51 13.07 -2.50
C THR G 101 -6.71 13.86 -2.04
N ILE G 102 -6.47 15.17 -1.97
CA ILE G 102 -7.45 16.16 -1.56
C ILE G 102 -8.15 16.75 -2.79
N ALA G 103 -9.49 16.74 -2.75
CA ALA G 103 -10.32 17.33 -3.80
C ALA G 103 -10.03 18.82 -3.92
N GLN G 104 -9.83 19.30 -5.15
CA GLN G 104 -9.51 20.71 -5.44
C GLN G 104 -8.23 21.17 -4.71
N GLY G 105 -7.28 20.25 -4.59
CA GLY G 105 -6.06 20.50 -3.82
C GLY G 105 -5.03 21.39 -4.49
N GLY G 106 -4.91 21.25 -5.81
CA GLY G 106 -3.84 21.94 -6.55
C GLY G 106 -2.54 21.22 -6.28
N VAL G 107 -1.45 21.97 -6.24
CA VAL G 107 -0.10 21.44 -6.03
C VAL G 107 0.85 22.55 -5.54
N LEU G 108 1.88 22.17 -4.79
CA LEU G 108 2.92 23.11 -4.38
C LEU G 108 3.67 23.60 -5.61
N PRO G 109 3.67 24.94 -5.82
CA PRO G 109 4.44 25.44 -6.95
C PRO G 109 5.91 25.17 -6.70
N ASN G 110 6.48 24.35 -7.58
CA ASN G 110 7.88 23.95 -7.50
C ASN G 110 8.38 23.56 -8.88
N ILE G 111 9.10 24.50 -9.49
CA ILE G 111 9.74 24.28 -10.77
C ILE G 111 11.15 23.79 -10.51
N GLN G 112 11.59 22.87 -11.36
CA GLN G 112 12.93 22.34 -11.30
C GLN G 112 13.96 23.39 -11.65
N SER G 113 15.00 23.45 -10.83
CA SER G 113 16.11 24.39 -11.01
C SER G 113 17.08 23.91 -12.11
N VAL G 114 16.50 23.43 -13.22
CA VAL G 114 17.24 22.98 -14.39
C VAL G 114 16.54 23.57 -15.64
N LEU G 115 15.28 23.95 -15.47
CA LEU G 115 14.45 24.47 -16.56
C LEU G 115 14.36 26.00 -16.54
N LEU G 116 14.81 26.60 -15.43
CA LEU G 116 14.83 28.05 -15.24
C LEU G 116 15.81 28.75 -16.21
N PRO G 117 15.42 29.91 -16.81
CA PRO G 117 16.08 30.70 -17.87
C PRO G 117 17.62 30.55 -18.07
N LYS G 118 18.38 31.64 -17.94
CA LYS G 118 19.84 31.62 -18.11
C LYS G 118 20.55 32.39 -16.99
N LYS G 119 20.24 33.68 -16.89
CA LYS G 119 20.75 34.52 -15.80
C LYS G 119 19.75 34.50 -14.63
N LYS H 28 -37.25 11.72 6.98
CA LYS H 28 -35.90 12.05 7.52
C LYS H 28 -34.84 11.10 6.98
N THR H 29 -33.63 11.62 6.79
CA THR H 29 -32.50 10.83 6.29
C THR H 29 -31.49 10.58 7.41
N ARG H 30 -31.01 11.68 8.02
CA ARG H 30 -29.95 11.70 9.05
C ARG H 30 -28.59 11.18 8.55
N LYS H 31 -27.69 12.13 8.26
CA LYS H 31 -26.32 11.82 7.84
C LYS H 31 -25.29 12.47 8.76
N GLU H 32 -24.96 11.77 9.85
CA GLU H 32 -24.04 12.25 10.88
C GLU H 32 -22.61 12.44 10.38
N SER H 33 -22.08 13.64 10.62
CA SER H 33 -20.71 14.00 10.27
C SER H 33 -19.97 14.38 11.55
N TYR H 34 -19.02 15.29 11.44
CA TYR H 34 -18.24 15.81 12.57
C TYR H 34 -18.20 17.34 12.58
N ALA H 35 -18.64 17.92 11.46
CA ALA H 35 -18.62 19.37 11.19
C ALA H 35 -18.91 20.26 12.38
N ILE H 36 -19.82 19.83 13.25
CA ILE H 36 -20.19 20.59 14.45
C ILE H 36 -18.97 20.78 15.38
N TYR H 37 -18.24 19.68 15.58
CA TYR H 37 -17.05 19.64 16.42
C TYR H 37 -15.86 20.27 15.70
N VAL H 38 -15.74 19.95 14.39
CA VAL H 38 -14.67 20.49 13.54
C VAL H 38 -14.63 22.02 13.63
N TYR H 39 -15.80 22.63 13.62
CA TYR H 39 -15.93 24.06 13.74
C TYR H 39 -15.59 24.53 15.15
N LYS H 40 -16.00 23.76 16.16
CA LYS H 40 -15.70 24.07 17.57
C LYS H 40 -14.20 24.26 17.80
N VAL H 41 -13.42 23.25 17.41
CA VAL H 41 -11.96 23.26 17.54
C VAL H 41 -11.28 24.24 16.57
N LEU H 42 -11.98 24.59 15.49
CA LEU H 42 -11.51 25.59 14.54
C LEU H 42 -11.49 26.96 15.20
N LYS H 43 -12.57 27.29 15.90
CA LYS H 43 -12.69 28.57 16.60
C LYS H 43 -11.88 28.59 17.90
N GLN H 44 -11.46 27.41 18.34
CA GLN H 44 -10.57 27.27 19.48
C GLN H 44 -9.11 27.56 19.10
N VAL H 45 -8.80 27.51 17.80
CA VAL H 45 -7.44 27.84 17.30
C VAL H 45 -7.38 29.17 16.55
N HIS H 46 -8.41 29.46 15.76
CA HIS H 46 -8.55 30.74 15.09
C HIS H 46 -10.01 31.15 15.17
N PRO H 47 -10.32 32.10 16.08
CA PRO H 47 -11.71 32.55 16.30
C PRO H 47 -12.24 33.44 15.17
N ASP H 48 -11.31 34.14 14.49
CA ASP H 48 -11.62 35.03 13.38
C ASP H 48 -11.13 34.42 12.05
N THR H 49 -11.66 33.23 11.75
CA THR H 49 -11.35 32.43 10.55
C THR H 49 -12.44 31.35 10.36
N GLY H 50 -13.01 31.27 9.15
CA GLY H 50 -14.09 30.31 8.86
C GLY H 50 -13.66 29.06 8.12
N ILE H 51 -14.51 28.61 7.18
CA ILE H 51 -14.25 27.41 6.36
C ILE H 51 -15.24 27.30 5.18
N SER H 52 -14.79 26.70 4.06
CA SER H 52 -15.66 26.30 2.94
C SER H 52 -16.48 25.06 3.34
N SER H 53 -17.50 24.73 2.55
CA SER H 53 -18.24 23.48 2.77
C SER H 53 -17.48 22.33 2.14
N LYS H 54 -16.77 22.64 1.05
CA LYS H 54 -15.98 21.66 0.31
C LYS H 54 -14.76 21.29 1.13
N ALA H 55 -14.17 22.28 1.81
CA ALA H 55 -13.04 22.05 2.72
C ALA H 55 -13.48 21.28 3.98
N MET H 56 -14.73 21.48 4.40
CA MET H 56 -15.32 20.74 5.52
C MET H 56 -15.42 19.26 5.18
N SER H 57 -15.84 18.97 3.96
CA SER H 57 -15.96 17.59 3.46
C SER H 57 -14.61 16.86 3.50
N ILE H 58 -13.54 17.56 3.13
CA ILE H 58 -12.16 17.04 3.17
C ILE H 58 -11.75 16.79 4.60
N MET H 59 -12.04 17.76 5.45
CA MET H 59 -11.72 17.68 6.86
C MET H 59 -12.43 16.48 7.51
N ASN H 60 -13.69 16.30 7.14
CA ASN H 60 -14.49 15.20 7.62
C ASN H 60 -13.92 13.85 7.16
N SER H 61 -13.57 13.75 5.87
CA SER H 61 -12.97 12.55 5.27
C SER H 61 -11.67 12.19 5.96
N PHE H 62 -10.97 13.21 6.45
CA PHE H 62 -9.75 13.02 7.19
C PHE H 62 -10.06 12.30 8.49
N VAL H 63 -10.74 12.98 9.40
CA VAL H 63 -11.11 12.40 10.69
C VAL H 63 -11.70 10.99 10.50
N ASN H 64 -12.39 10.77 9.38
CA ASN H 64 -12.91 9.44 9.05
C ASN H 64 -11.79 8.45 8.73
N ASP H 65 -10.96 8.79 7.73
CA ASP H 65 -9.82 7.96 7.33
C ASP H 65 -8.89 7.67 8.50
N VAL H 66 -8.53 8.73 9.23
CA VAL H 66 -7.68 8.64 10.41
C VAL H 66 -8.33 7.79 11.48
N PHE H 67 -9.66 7.89 11.60
CA PHE H 67 -10.39 7.03 12.50
C PHE H 67 -10.07 5.59 12.12
N GLU H 68 -10.49 5.22 10.90
CA GLU H 68 -10.31 3.86 10.37
C GLU H 68 -8.89 3.35 10.52
N ARG H 69 -7.94 4.23 10.18
CA ARG H 69 -6.51 3.89 10.14
C ARG H 69 -6.06 3.27 11.45
N ILE H 70 -6.05 4.10 12.50
CA ILE H 70 -5.61 3.68 13.84
C ILE H 70 -6.48 2.54 14.38
N ALA H 71 -7.79 2.67 14.16
CA ALA H 71 -8.79 1.71 14.65
C ALA H 71 -8.41 0.26 14.31
N GLY H 72 -8.48 -0.08 13.03
CA GLY H 72 -8.12 -1.41 12.54
C GLY H 72 -6.75 -1.79 13.06
N GLU H 73 -5.78 -0.90 12.85
CA GLU H 73 -4.43 -1.13 13.31
C GLU H 73 -4.41 -1.71 14.74
N ALA H 74 -5.25 -1.13 15.60
CA ALA H 74 -5.39 -1.53 17.00
C ALA H 74 -6.33 -2.73 17.16
N SER H 75 -7.32 -2.82 16.28
CA SER H 75 -8.23 -3.97 16.27
C SER H 75 -7.42 -5.24 16.02
N ARG H 76 -6.43 -5.10 15.13
CA ARG H 76 -5.51 -6.15 14.71
C ARG H 76 -4.61 -6.54 15.86
N LEU H 77 -4.16 -5.51 16.59
CA LEU H 77 -3.20 -5.62 17.68
C LEU H 77 -3.68 -6.50 18.83
N ALA H 78 -4.97 -6.41 19.11
CA ALA H 78 -5.62 -7.28 20.08
C ALA H 78 -5.42 -8.72 19.64
N HIS H 79 -5.84 -9.01 18.41
CA HIS H 79 -5.75 -10.34 17.83
C HIS H 79 -4.34 -10.89 17.82
N TYR H 80 -3.38 -10.06 17.40
CA TYR H 80 -1.98 -10.47 17.39
C TYR H 80 -1.63 -11.01 18.75
N ASN H 81 -1.88 -10.19 19.77
CA ASN H 81 -1.58 -10.53 21.14
C ASN H 81 -2.73 -11.23 21.85
N LYS H 82 -3.56 -11.92 21.07
CA LYS H 82 -4.65 -12.79 21.57
C LYS H 82 -5.58 -12.15 22.60
N ARG H 83 -5.58 -10.82 22.66
CA ARG H 83 -6.40 -10.07 23.60
C ARG H 83 -7.82 -9.90 23.06
N SER H 84 -8.80 -10.14 23.91
CA SER H 84 -10.21 -10.17 23.50
C SER H 84 -10.94 -8.84 23.70
N THR H 85 -10.18 -7.77 23.93
CA THR H 85 -10.75 -6.46 24.21
C THR H 85 -9.77 -5.37 23.82
N ILE H 86 -10.26 -4.40 23.05
CA ILE H 86 -9.51 -3.17 22.76
C ILE H 86 -9.39 -2.33 24.03
N THR H 87 -8.18 -1.83 24.28
CA THR H 87 -7.91 -0.89 25.38
C THR H 87 -7.19 0.35 24.84
N SER H 88 -7.12 1.38 25.69
CA SER H 88 -6.40 2.62 25.41
C SER H 88 -4.96 2.32 25.03
N ARG H 89 -4.43 1.24 25.63
CA ARG H 89 -3.08 0.74 25.39
C ARG H 89 -2.88 0.36 23.92
N GLU H 90 -3.88 -0.32 23.34
CA GLU H 90 -3.84 -0.77 21.94
C GLU H 90 -3.87 0.45 21.04
N ILE H 91 -4.59 1.48 21.46
CA ILE H 91 -4.65 2.74 20.72
C ILE H 91 -3.25 3.34 20.68
N GLN H 92 -2.58 3.39 21.84
CA GLN H 92 -1.23 3.94 21.96
C GLN H 92 -0.28 3.37 20.90
N THR H 93 0.07 2.12 21.10
CA THR H 93 0.97 1.40 20.22
C THR H 93 0.55 1.56 18.77
N ALA H 94 -0.76 1.60 18.53
CA ALA H 94 -1.31 1.80 17.19
C ALA H 94 -0.96 3.18 16.64
N VAL H 95 -1.07 4.18 17.51
CA VAL H 95 -0.74 5.56 17.15
C VAL H 95 0.77 5.65 16.90
N ARG H 96 1.55 5.11 17.84
CA ARG H 96 3.02 5.05 17.71
C ARG H 96 3.48 4.42 16.39
N LEU H 97 2.61 3.58 15.83
CA LEU H 97 2.87 2.87 14.59
C LEU H 97 2.45 3.70 13.39
N LEU H 98 1.19 4.10 13.41
CA LEU H 98 0.59 4.80 12.29
C LEU H 98 1.16 6.20 12.06
N LEU H 99 1.38 6.94 13.16
CA LEU H 99 1.79 8.34 13.08
C LEU H 99 3.30 8.58 13.00
N PRO H 100 3.71 9.48 12.09
CA PRO H 100 5.12 9.85 11.90
C PRO H 100 5.71 10.59 13.10
N GLY H 101 7.04 10.49 13.25
CA GLY H 101 7.84 11.13 14.29
C GLY H 101 7.20 11.96 15.39
N GLU H 102 7.41 13.27 15.33
CA GLU H 102 6.97 14.25 16.34
C GLU H 102 5.44 14.31 16.54
N LEU H 103 4.70 14.06 15.47
CA LEU H 103 3.24 14.11 15.51
C LEU H 103 2.63 12.98 16.34
N ALA H 104 3.35 11.85 16.37
CA ALA H 104 3.00 10.69 17.19
C ALA H 104 3.17 11.06 18.64
N LYS H 105 4.35 11.60 18.97
CA LYS H 105 4.71 12.06 20.31
C LYS H 105 3.67 13.03 20.89
N HIS H 106 3.35 14.06 20.09
CA HIS H 106 2.33 15.08 20.42
C HIS H 106 0.92 14.49 20.59
N ALA H 107 0.61 13.50 19.76
CA ALA H 107 -0.67 12.80 19.82
C ALA H 107 -0.70 11.93 21.08
N VAL H 108 0.21 10.96 21.14
CA VAL H 108 0.28 10.01 22.26
C VAL H 108 0.17 10.77 23.59
N SER H 109 0.65 12.01 23.59
CA SER H 109 0.53 12.91 24.72
C SER H 109 -0.95 13.20 25.04
N GLU H 110 -1.56 14.08 24.25
CA GLU H 110 -2.95 14.52 24.47
C GLU H 110 -3.88 13.36 24.77
N GLY H 111 -3.56 12.21 24.21
CA GLY H 111 -4.26 10.98 24.47
C GLY H 111 -4.15 10.65 25.95
N THR H 112 -2.96 10.27 26.39
CA THR H 112 -2.73 9.89 27.78
C THR H 112 -3.22 11.01 28.71
N LYS H 113 -3.11 12.24 28.23
CA LYS H 113 -3.62 13.44 28.90
C LYS H 113 -5.15 13.34 29.12
N ALA H 114 -5.95 13.62 28.08
CA ALA H 114 -7.42 13.54 28.15
C ALA H 114 -7.91 12.29 28.88
N VAL H 115 -7.17 11.18 28.74
CA VAL H 115 -7.44 9.93 29.45
C VAL H 115 -7.34 10.12 30.95
N THR H 116 -6.18 10.61 31.43
CA THR H 116 -5.96 10.78 32.87
C THR H 116 -6.97 11.78 33.51
N LYS H 117 -7.45 12.74 32.71
CA LYS H 117 -8.45 13.74 33.11
C LYS H 117 -9.82 13.07 33.31
N TYR H 118 -10.11 12.08 32.48
CA TYR H 118 -11.34 11.31 32.57
C TYR H 118 -11.31 10.36 33.77
N THR H 119 -10.16 9.73 34.01
CA THR H 119 -9.99 8.78 35.12
C THR H 119 -10.20 9.49 36.46
N SER H 120 -9.51 10.62 36.62
CA SER H 120 -9.57 11.46 37.81
C SER H 120 -10.94 12.15 37.92
N ALA H 121 -11.15 13.19 37.10
CA ALA H 121 -12.45 13.83 36.98
C ALA H 121 -13.37 12.84 36.25
N LYS H 122 -13.94 11.95 37.06
CA LYS H 122 -14.69 10.79 36.63
C LYS H 122 -16.19 11.02 36.70
#